data_2QUJ
#
_entry.id   2QUJ
#
_cell.length_a   80.0
_cell.length_b   80.0
_cell.length_c   383.0
_cell.angle_alpha   90.0
_cell.angle_beta   90.0
_cell.angle_gamma   90.0
#
_symmetry.space_group_name_H-M   'P 4 2 2'
#
loop_
_entity.id
_entity.type
_entity.pdbx_description
1 polymer 'Tryptophanyl-tRNA synthetase'
2 non-polymer 'CHLORIDE ION'
3 non-polymer "TRYPTOPHANYL-5'AMP"
4 non-polymer GLYCEROL
5 non-polymer TRYPTOPHAN
6 water water
#
_entity_poly.entity_id   1
_entity_poly.type   'polypeptide(L)'
_entity_poly.pdbx_seq_one_letter_code
;MPNSEPASLLELFNSIATQGELVRSLKAGNASKDEIDSAVKMLVSLKMSYKAAAGEDYKADCPPGNPAPTSNHGPDATEA
EEDFVDPWTVQTSSAKGIDYDKLIVRFGSSKIDKELINRIERATGQRPHHFLRRGIFFSHRDMNQVLDAYENKKPFYLYT
GRGPSSEAMHVGHLIPFIFTKWLQDVFNVPLVIQMTDDEKYLWKDLTLDQAYSYAVENAKDIIACGFDINKTFIFSDLDY
MGMSSGFYKNVVKIQKHVTFNQVKGIFGFTDSDCIGKISFPAIQAAPSFSNSFPQIFRDRTDIQCLIPCAIDQDPYFRMT
RDVAPRIGYPKPALLHSTFFPALQGAQTKMSASDPNSSIFLTDTAKQIKTKVNKHAFSGGRDTIEEHRQFGGNCDVDVSF
MYLTFFLEDDDKLEQIRKDYTSGAMLTGELKKALIEVLQPLIAEHQARRKEVTDEIVKEFMTPRKLSFDFQHHHHHH
;
_entity_poly.pdbx_strand_id   A,B
#
# COMPACT_ATOMS: atom_id res chain seq x y z
N TRP A 88 -14.81 22.70 -4.54
CA TRP A 88 -14.58 23.97 -5.27
C TRP A 88 -14.89 23.86 -6.74
N THR A 89 -16.06 24.36 -7.14
CA THR A 89 -16.46 24.30 -8.53
C THR A 89 -17.44 25.40 -8.90
N VAL A 90 -18.45 25.57 -8.05
CA VAL A 90 -19.46 26.60 -8.29
C VAL A 90 -19.50 27.65 -7.20
N GLN A 91 -19.24 28.90 -7.58
CA GLN A 91 -19.23 29.98 -6.61
C GLN A 91 -17.82 30.52 -6.37
N THR A 92 -16.83 29.84 -6.95
CA THR A 92 -15.46 30.26 -6.80
C THR A 92 -15.14 31.50 -7.62
N SER A 93 -16.19 32.17 -8.06
CA SER A 93 -16.08 33.39 -8.85
C SER A 93 -16.70 34.55 -8.08
N SER A 94 -17.77 34.25 -7.34
CA SER A 94 -18.48 35.24 -6.53
C SER A 94 -17.62 35.72 -5.36
N ALA A 95 -17.72 37.00 -5.05
CA ALA A 95 -16.96 37.58 -3.95
C ALA A 95 -17.48 37.08 -2.60
N LYS A 96 -18.70 36.53 -2.62
CA LYS A 96 -19.33 36.01 -1.40
C LYS A 96 -18.79 34.61 -1.08
N GLY A 97 -17.88 34.13 -1.92
CA GLY A 97 -17.31 32.82 -1.70
C GLY A 97 -18.17 31.74 -2.35
N ILE A 98 -17.89 30.48 -2.03
CA ILE A 98 -18.65 29.36 -2.59
C ILE A 98 -20.09 29.32 -2.08
N ASP A 99 -20.98 28.79 -2.90
CA ASP A 99 -22.37 28.64 -2.52
C ASP A 99 -22.44 27.25 -1.89
N TYR A 100 -22.41 27.19 -0.56
CA TYR A 100 -22.42 25.90 0.12
C TYR A 100 -23.72 25.15 0.12
N ASP A 101 -24.84 25.86 0.07
CA ASP A 101 -26.14 25.19 0.07
C ASP A 101 -26.35 24.49 -1.26
N LYS A 102 -25.68 24.99 -2.29
CA LYS A 102 -25.76 24.41 -3.63
C LYS A 102 -24.72 23.30 -3.74
N LEU A 103 -23.73 23.35 -2.86
CA LEU A 103 -22.68 22.35 -2.83
C LEU A 103 -23.22 21.12 -2.10
N ILE A 104 -24.04 21.38 -1.07
CA ILE A 104 -24.63 20.30 -0.30
C ILE A 104 -25.47 19.42 -1.22
N VAL A 105 -26.28 20.04 -2.06
CA VAL A 105 -27.14 19.30 -2.97
C VAL A 105 -26.32 18.48 -3.97
N ARG A 106 -25.25 19.08 -4.49
CA ARG A 106 -24.41 18.37 -5.44
C ARG A 106 -23.80 17.14 -4.79
N PHE A 107 -23.13 17.34 -3.66
CA PHE A 107 -22.48 16.27 -2.93
C PHE A 107 -23.44 15.27 -2.29
N GLY A 108 -24.73 15.60 -2.27
CA GLY A 108 -25.70 14.71 -1.69
C GLY A 108 -25.63 14.59 -0.18
N SER A 109 -24.98 15.55 0.48
CA SER A 109 -24.87 15.52 1.92
C SER A 109 -26.11 16.14 2.54
N SER A 110 -26.12 16.25 3.87
CA SER A 110 -27.26 16.82 4.57
C SER A 110 -26.86 18.11 5.27
N LYS A 111 -27.74 19.10 5.23
CA LYS A 111 -27.47 20.36 5.89
C LYS A 111 -27.67 20.27 7.40
N ILE A 112 -26.80 20.93 8.15
CA ILE A 112 -26.91 20.94 9.59
C ILE A 112 -27.90 22.05 9.94
N ASP A 113 -29.09 21.67 10.37
CA ASP A 113 -30.12 22.64 10.74
C ASP A 113 -30.19 22.82 12.26
N LYS A 114 -31.14 23.62 12.72
CA LYS A 114 -31.33 23.88 14.15
C LYS A 114 -31.67 22.64 14.96
N GLU A 115 -32.47 21.75 14.40
CA GLU A 115 -32.85 20.53 15.10
C GLU A 115 -31.57 19.77 15.50
N LEU A 116 -30.73 19.50 14.50
CA LEU A 116 -29.50 18.77 14.71
C LEU A 116 -28.61 19.46 15.73
N ILE A 117 -28.53 20.78 15.63
CA ILE A 117 -27.72 21.56 16.55
C ILE A 117 -28.26 21.43 17.97
N ASN A 118 -29.57 21.54 18.12
CA ASN A 118 -30.17 21.43 19.44
C ASN A 118 -29.99 20.03 20.01
N ARG A 119 -30.00 19.03 19.14
CA ARG A 119 -29.81 17.66 19.58
C ARG A 119 -28.39 17.47 20.12
N ILE A 120 -27.42 18.14 19.51
CA ILE A 120 -26.04 18.04 19.96
C ILE A 120 -25.96 18.68 21.34
N GLU A 121 -26.64 19.81 21.50
CA GLU A 121 -26.65 20.50 22.78
C GLU A 121 -27.24 19.61 23.88
N ARG A 122 -28.40 19.01 23.62
CA ARG A 122 -29.02 18.15 24.60
C ARG A 122 -28.18 16.92 24.91
N ALA A 123 -27.54 16.35 23.88
CA ALA A 123 -26.72 15.16 24.04
C ALA A 123 -25.40 15.41 24.76
N THR A 124 -24.90 16.63 24.68
CA THR A 124 -23.63 16.95 25.32
C THR A 124 -23.75 17.82 26.57
N GLY A 125 -24.92 18.42 26.77
CA GLY A 125 -25.10 19.27 27.92
C GLY A 125 -24.18 20.48 27.84
N GLN A 126 -23.84 20.86 26.61
CA GLN A 126 -22.94 21.98 26.37
C GLN A 126 -23.54 22.89 25.30
N ARG A 127 -23.10 24.15 25.27
CA ARG A 127 -23.59 25.06 24.26
C ARG A 127 -22.83 24.69 23.00
N PRO A 128 -23.56 24.42 21.91
CA PRO A 128 -22.88 24.05 20.67
C PRO A 128 -21.85 25.07 20.22
N HIS A 129 -20.67 24.56 19.86
CA HIS A 129 -19.54 25.38 19.43
C HIS A 129 -20.00 26.41 18.40
N HIS A 130 -19.41 27.60 18.46
CA HIS A 130 -19.79 28.65 17.53
C HIS A 130 -19.65 28.30 16.05
N PHE A 131 -18.74 27.39 15.69
CA PHE A 131 -18.63 27.03 14.27
C PHE A 131 -19.99 26.47 13.86
N LEU A 132 -20.61 25.76 14.79
CA LEU A 132 -21.92 25.17 14.55
C LEU A 132 -23.00 26.25 14.55
N ARG A 133 -22.99 27.09 15.59
CA ARG A 133 -23.99 28.16 15.67
C ARG A 133 -23.94 29.10 14.46
N ARG A 134 -22.75 29.34 13.93
CA ARG A 134 -22.57 30.26 12.81
C ARG A 134 -22.52 29.68 11.39
N GLY A 135 -22.81 28.40 11.22
CA GLY A 135 -22.79 27.81 9.90
C GLY A 135 -21.43 27.53 9.29
N ILE A 136 -20.38 27.51 10.10
CA ILE A 136 -19.05 27.21 9.57
C ILE A 136 -19.01 25.70 9.33
N PHE A 137 -19.52 24.92 10.26
CA PHE A 137 -19.63 23.48 9.99
C PHE A 137 -21.12 23.41 9.65
N PHE A 138 -21.38 23.39 8.35
CA PHE A 138 -22.74 23.43 7.82
C PHE A 138 -23.33 22.12 7.28
N SER A 139 -22.47 21.19 6.89
CA SER A 139 -22.96 19.95 6.31
C SER A 139 -22.57 18.71 7.11
N HIS A 140 -23.28 17.61 6.88
CA HIS A 140 -22.98 16.36 7.56
C HIS A 140 -23.55 15.16 6.82
N ARG A 141 -23.15 13.98 7.29
CA ARG A 141 -23.62 12.71 6.77
C ARG A 141 -23.76 11.80 8.01
N ASP A 142 -24.97 11.34 8.29
CA ASP A 142 -25.24 10.44 9.41
C ASP A 142 -24.98 10.98 10.82
N MET A 143 -24.94 12.30 11.01
CA MET A 143 -24.70 12.82 12.34
C MET A 143 -25.75 12.34 13.33
N ASN A 144 -26.98 12.15 12.86
CA ASN A 144 -28.05 11.66 13.73
C ASN A 144 -27.73 10.23 14.17
N GLN A 145 -27.04 9.48 13.32
CA GLN A 145 -26.65 8.11 13.65
C GLN A 145 -25.65 8.15 14.81
N VAL A 146 -24.70 9.08 14.74
CA VAL A 146 -23.70 9.22 15.80
C VAL A 146 -24.39 9.58 17.10
N LEU A 147 -25.33 10.52 17.02
CA LEU A 147 -26.07 10.96 18.20
C LEU A 147 -26.92 9.84 18.78
N ASP A 148 -27.57 9.06 17.93
CA ASP A 148 -28.37 7.96 18.41
C ASP A 148 -27.47 7.02 19.20
N ALA A 149 -26.33 6.68 18.61
CA ALA A 149 -25.39 5.78 19.26
C ALA A 149 -24.94 6.34 20.60
N TYR A 150 -24.53 7.60 20.61
CA TYR A 150 -24.07 8.23 21.83
C TYR A 150 -25.14 8.26 22.93
N GLU A 151 -26.39 8.48 22.55
CA GLU A 151 -27.49 8.53 23.50
C GLU A 151 -27.86 7.14 24.04
N ASN A 152 -27.55 6.10 23.26
CA ASN A 152 -27.81 4.73 23.67
C ASN A 152 -26.56 4.16 24.31
N LYS A 153 -25.68 5.07 24.71
CA LYS A 153 -24.43 4.73 25.36
C LYS A 153 -23.44 3.91 24.51
N LYS A 154 -23.73 3.79 23.21
CA LYS A 154 -22.82 3.08 22.31
C LYS A 154 -21.60 3.98 22.09
N PRO A 155 -20.45 3.41 21.71
CA PRO A 155 -19.27 4.25 21.51
C PRO A 155 -19.10 4.70 20.05
N PHE A 156 -18.24 5.69 19.86
CA PHE A 156 -17.92 6.17 18.54
C PHE A 156 -16.57 6.85 18.70
N TYR A 157 -15.82 7.00 17.62
CA TYR A 157 -14.53 7.67 17.74
C TYR A 157 -14.39 8.72 16.65
N LEU A 158 -13.44 9.63 16.84
CA LEU A 158 -13.19 10.71 15.89
C LEU A 158 -12.02 10.43 14.99
N TYR A 159 -12.12 10.91 13.75
CA TYR A 159 -11.05 10.74 12.78
C TYR A 159 -10.94 11.92 11.81
N THR A 160 -9.81 12.60 11.87
CA THR A 160 -9.52 13.71 10.96
C THR A 160 -8.03 13.58 10.63
N GLY A 161 -7.55 14.37 9.68
CA GLY A 161 -6.15 14.26 9.33
C GLY A 161 -5.54 15.51 8.74
N ARG A 162 -4.24 15.42 8.45
CA ARG A 162 -3.49 16.55 7.91
C ARG A 162 -2.44 16.09 6.89
N GLY A 163 -2.37 16.82 5.77
CA GLY A 163 -1.40 16.53 4.74
C GLY A 163 -0.23 17.47 4.94
N PRO A 164 0.88 17.01 5.53
CA PRO A 164 2.07 17.83 5.80
C PRO A 164 2.87 18.26 4.57
N SER A 165 2.35 19.21 3.83
CA SER A 165 3.00 19.73 2.63
C SER A 165 4.31 20.44 2.98
N SER A 166 4.35 21.03 4.18
CA SER A 166 5.53 21.73 4.66
C SER A 166 5.34 22.08 6.12
N GLU A 167 6.34 22.76 6.68
CA GLU A 167 6.31 23.19 8.07
C GLU A 167 5.39 24.40 8.23
N ALA A 168 5.00 24.99 7.10
CA ALA A 168 4.15 26.18 7.11
C ALA A 168 2.64 25.97 7.19
N MET A 169 2.11 26.01 8.41
CA MET A 169 0.68 25.87 8.60
C MET A 169 0.07 27.23 8.88
N HIS A 170 -1.15 27.45 8.41
CA HIS A 170 -1.80 28.72 8.63
C HIS A 170 -3.10 28.62 9.41
N VAL A 171 -3.60 29.78 9.79
CA VAL A 171 -4.84 29.91 10.55
C VAL A 171 -5.98 29.04 10.01
N GLY A 172 -6.02 28.85 8.70
CA GLY A 172 -7.08 28.04 8.11
C GLY A 172 -6.98 26.57 8.50
N HIS A 173 -5.76 26.07 8.69
CA HIS A 173 -5.55 24.68 9.04
C HIS A 173 -6.04 24.32 10.44
N LEU A 174 -6.27 25.32 11.27
CA LEU A 174 -6.71 25.08 12.64
C LEU A 174 -8.21 24.80 12.73
N ILE A 175 -8.99 25.38 11.83
CA ILE A 175 -10.44 25.25 11.87
C ILE A 175 -10.96 23.84 12.20
N PRO A 176 -10.59 22.82 11.40
CA PRO A 176 -11.06 21.47 11.69
C PRO A 176 -10.51 20.88 12.99
N PHE A 177 -9.30 21.27 13.35
CA PHE A 177 -8.70 20.75 14.58
C PHE A 177 -9.30 21.40 15.81
N ILE A 178 -9.55 22.71 15.73
CA ILE A 178 -10.16 23.40 16.86
C ILE A 178 -11.52 22.75 17.09
N PHE A 179 -12.24 22.49 16.00
CA PHE A 179 -13.57 21.89 16.11
C PHE A 179 -13.53 20.46 16.64
N THR A 180 -12.53 19.70 16.18
CA THR A 180 -12.36 18.31 16.60
C THR A 180 -12.00 18.22 18.07
N LYS A 181 -11.20 19.18 18.54
CA LYS A 181 -10.78 19.23 19.93
C LYS A 181 -12.04 19.48 20.78
N TRP A 182 -12.94 20.31 20.26
CA TRP A 182 -14.18 20.61 20.96
C TRP A 182 -15.04 19.35 21.02
N LEU A 183 -15.09 18.63 19.90
CA LEU A 183 -15.86 17.39 19.80
C LEU A 183 -15.35 16.34 20.77
N GLN A 184 -14.03 16.29 20.96
CA GLN A 184 -13.43 15.33 21.87
C GLN A 184 -13.76 15.67 23.32
N ASP A 185 -13.64 16.94 23.70
CA ASP A 185 -13.96 17.34 25.08
C ASP A 185 -15.44 17.12 25.36
N VAL A 186 -16.27 17.66 24.48
CA VAL A 186 -17.72 17.57 24.62
C VAL A 186 -18.32 16.17 24.63
N PHE A 187 -17.88 15.29 23.74
CA PHE A 187 -18.42 13.94 23.72
C PHE A 187 -17.60 12.95 24.53
N ASN A 188 -16.33 13.28 24.74
CA ASN A 188 -15.41 12.43 25.50
C ASN A 188 -15.23 11.09 24.78
N VAL A 189 -14.54 11.13 23.64
CA VAL A 189 -14.31 9.95 22.84
C VAL A 189 -12.88 9.94 22.30
N PRO A 190 -12.37 8.75 21.94
CA PRO A 190 -11.01 8.67 21.41
C PRO A 190 -10.92 9.33 20.04
N LEU A 191 -9.74 9.81 19.71
CA LEU A 191 -9.50 10.50 18.46
C LEU A 191 -8.30 9.93 17.72
N VAL A 192 -8.43 9.81 16.41
CA VAL A 192 -7.38 9.29 15.56
C VAL A 192 -7.07 10.36 14.50
N ILE A 193 -5.79 10.72 14.36
CA ILE A 193 -5.38 11.77 13.41
C ILE A 193 -4.31 11.28 12.45
N GLN A 194 -4.66 11.18 11.17
CA GLN A 194 -3.74 10.71 10.16
C GLN A 194 -2.86 11.80 9.54
N MET A 195 -1.55 11.58 9.61
CA MET A 195 -0.59 12.52 9.01
C MET A 195 -0.15 11.80 7.73
N THR A 196 -0.65 12.27 6.59
CA THR A 196 -0.36 11.64 5.31
C THR A 196 0.99 12.00 4.65
N ASP A 197 2.09 11.66 5.30
CA ASP A 197 3.39 11.94 4.72
C ASP A 197 3.57 11.24 3.37
N ASP A 198 2.99 10.05 3.23
CA ASP A 198 3.10 9.30 1.98
C ASP A 198 2.36 10.00 0.83
N GLU A 199 1.23 10.60 1.15
CA GLU A 199 0.46 11.32 0.15
C GLU A 199 1.29 12.48 -0.38
N LYS A 200 1.93 13.21 0.54
CA LYS A 200 2.73 14.34 0.16
C LYS A 200 4.01 13.92 -0.57
N TYR A 201 4.55 12.76 -0.20
CA TYR A 201 5.74 12.27 -0.88
C TYR A 201 5.33 11.94 -2.31
N LEU A 202 4.13 11.39 -2.46
CA LEU A 202 3.62 11.04 -3.78
C LEU A 202 3.38 12.25 -4.64
N TRP A 203 2.55 13.17 -4.15
CA TRP A 203 2.18 14.38 -4.87
C TRP A 203 3.21 15.49 -4.99
N LYS A 204 4.06 15.65 -3.98
CA LYS A 204 5.06 16.70 -4.00
C LYS A 204 6.49 16.26 -4.31
N ASP A 205 7.35 17.24 -4.50
CA ASP A 205 8.75 17.01 -4.80
C ASP A 205 9.52 16.97 -3.49
N LEU A 206 9.27 15.92 -2.71
CA LEU A 206 9.92 15.77 -1.41
C LEU A 206 10.54 14.39 -1.26
N THR A 207 11.40 14.24 -0.26
CA THR A 207 12.02 12.97 0.03
C THR A 207 11.24 12.41 1.22
N LEU A 208 11.22 11.10 1.38
CA LEU A 208 10.49 10.49 2.48
C LEU A 208 10.83 11.11 3.83
N ASP A 209 12.11 11.41 4.04
CA ASP A 209 12.53 12.01 5.29
C ASP A 209 11.92 13.40 5.46
N GLN A 210 11.83 14.15 4.38
CA GLN A 210 11.25 15.47 4.45
C GLN A 210 9.80 15.31 4.85
N ALA A 211 9.04 14.65 3.98
CA ALA A 211 7.62 14.40 4.21
C ALA A 211 7.37 13.96 5.64
N TYR A 212 8.18 13.01 6.13
CA TYR A 212 8.02 12.51 7.49
C TYR A 212 8.30 13.57 8.54
N SER A 213 9.35 14.37 8.34
CA SER A 213 9.67 15.40 9.31
C SER A 213 8.55 16.46 9.34
N TYR A 214 7.95 16.72 8.18
CA TYR A 214 6.85 17.67 8.10
C TYR A 214 5.69 17.15 8.94
N ALA A 215 5.52 15.84 8.93
CA ALA A 215 4.46 15.19 9.70
C ALA A 215 4.69 15.45 11.19
N VAL A 216 5.93 15.26 11.62
CA VAL A 216 6.27 15.46 13.02
C VAL A 216 6.13 16.93 13.43
N GLU A 217 6.62 17.84 12.61
CA GLU A 217 6.52 19.25 12.93
C GLU A 217 5.05 19.67 13.00
N ASN A 218 4.29 19.35 11.96
CA ASN A 218 2.87 19.69 11.94
C ASN A 218 2.15 19.09 13.15
N ALA A 219 2.60 17.89 13.55
CA ALA A 219 2.03 17.21 14.70
C ALA A 219 2.11 18.08 15.95
N LYS A 220 3.18 18.86 16.05
CA LYS A 220 3.37 19.75 17.19
C LYS A 220 2.27 20.81 17.23
N ASP A 221 2.05 21.48 16.09
CA ASP A 221 1.00 22.49 16.04
C ASP A 221 -0.35 21.89 16.39
N ILE A 222 -0.61 20.68 15.90
CA ILE A 222 -1.87 20.00 16.15
C ILE A 222 -2.04 19.67 17.63
N ILE A 223 -0.96 19.22 18.26
CA ILE A 223 -0.98 18.90 19.68
C ILE A 223 -1.27 20.19 20.44
N ALA A 224 -0.67 21.28 19.98
CA ALA A 224 -0.84 22.60 20.60
C ALA A 224 -2.30 23.06 20.65
N CYS A 225 -3.17 22.39 19.90
CA CYS A 225 -4.58 22.76 19.92
C CYS A 225 -5.24 22.26 21.19
N GLY A 226 -4.44 21.63 22.05
CA GLY A 226 -4.96 21.14 23.32
C GLY A 226 -5.51 19.74 23.44
N PHE A 227 -5.28 18.89 22.43
CA PHE A 227 -5.78 17.52 22.49
C PHE A 227 -5.25 16.74 23.69
N ASP A 228 -6.10 15.86 24.24
CA ASP A 228 -5.74 15.04 25.40
C ASP A 228 -4.89 13.84 24.97
N ILE A 229 -3.65 13.80 25.46
CA ILE A 229 -2.73 12.72 25.11
C ILE A 229 -3.18 11.32 25.50
N ASN A 230 -4.18 11.21 26.37
CA ASN A 230 -4.67 9.89 26.77
C ASN A 230 -5.83 9.47 25.89
N LYS A 231 -6.31 10.41 25.07
CA LYS A 231 -7.45 10.15 24.21
C LYS A 231 -7.19 10.31 22.72
N THR A 232 -5.96 10.62 22.33
CA THR A 232 -5.71 10.78 20.91
C THR A 232 -4.38 10.21 20.42
N PHE A 233 -4.47 9.52 19.28
CA PHE A 233 -3.34 8.88 18.62
C PHE A 233 -3.08 9.60 17.30
N ILE A 234 -1.88 10.15 17.16
CA ILE A 234 -1.50 10.86 15.95
C ILE A 234 -0.49 9.96 15.25
N PHE A 235 -0.72 9.66 13.98
CA PHE A 235 0.19 8.78 13.29
C PHE A 235 0.64 9.22 11.92
N SER A 236 1.86 8.85 11.60
CA SER A 236 2.44 9.11 10.30
C SER A 236 2.06 7.89 9.46
N ASP A 237 1.73 8.08 8.19
CA ASP A 237 1.38 6.93 7.35
C ASP A 237 2.61 6.06 7.15
N LEU A 238 3.72 6.68 6.80
CA LEU A 238 4.95 5.95 6.55
C LEU A 238 5.39 5.13 7.76
N ASP A 239 5.03 5.60 8.94
CA ASP A 239 5.39 4.92 10.18
C ASP A 239 4.44 3.81 10.57
N TYR A 240 3.18 4.19 10.77
CA TYR A 240 2.14 3.26 11.20
C TYR A 240 1.85 2.10 10.27
N MET A 241 1.95 2.31 8.96
CA MET A 241 1.70 1.23 8.00
C MET A 241 2.59 0.05 8.35
N GLY A 242 3.85 0.38 8.66
CA GLY A 242 4.84 -0.63 8.97
C GLY A 242 4.90 -1.12 10.40
N MET A 243 3.87 -0.84 11.19
CA MET A 243 3.87 -1.33 12.55
C MET A 243 2.47 -1.64 13.04
N SER A 244 1.55 -1.81 12.11
CA SER A 244 0.17 -2.12 12.46
C SER A 244 -0.30 -3.45 11.90
N SER A 245 -0.90 -4.26 12.76
CA SER A 245 -1.39 -5.56 12.33
C SER A 245 -2.74 -5.43 11.61
N GLY A 246 -3.36 -4.25 11.66
CA GLY A 246 -4.65 -4.12 10.98
C GLY A 246 -4.76 -3.08 9.88
N PHE A 247 -3.90 -2.08 9.90
CA PHE A 247 -3.98 -1.01 8.91
C PHE A 247 -3.82 -1.43 7.46
N TYR A 248 -2.69 -2.05 7.12
CA TYR A 248 -2.46 -2.47 5.73
C TYR A 248 -3.51 -3.44 5.23
N LYS A 249 -4.02 -4.29 6.12
CA LYS A 249 -5.03 -5.25 5.73
C LYS A 249 -6.30 -4.54 5.26
N ASN A 250 -6.71 -3.49 5.97
CA ASN A 250 -7.91 -2.77 5.55
C ASN A 250 -7.65 -2.01 4.26
N VAL A 251 -6.43 -1.49 4.10
CA VAL A 251 -6.10 -0.78 2.88
C VAL A 251 -6.26 -1.72 1.69
N VAL A 252 -5.79 -2.95 1.83
CA VAL A 252 -5.90 -3.94 0.77
C VAL A 252 -7.35 -4.33 0.51
N LYS A 253 -8.13 -4.51 1.58
CA LYS A 253 -9.54 -4.86 1.42
C LYS A 253 -10.22 -3.74 0.63
N ILE A 254 -9.88 -2.50 0.96
CA ILE A 254 -10.47 -1.36 0.27
C ILE A 254 -9.99 -1.34 -1.18
N GLN A 255 -8.69 -1.52 -1.38
CA GLN A 255 -8.12 -1.52 -2.72
C GLN A 255 -8.82 -2.54 -3.62
N LYS A 256 -9.27 -3.64 -3.01
CA LYS A 256 -9.95 -4.71 -3.73
C LYS A 256 -11.32 -4.32 -4.25
N HIS A 257 -11.94 -3.31 -3.62
CA HIS A 257 -13.28 -2.92 -4.01
C HIS A 257 -13.43 -1.53 -4.61
N VAL A 258 -12.34 -1.01 -5.17
CA VAL A 258 -12.36 0.32 -5.80
C VAL A 258 -11.61 0.20 -7.14
N THR A 259 -12.28 0.53 -8.24
CA THR A 259 -11.67 0.44 -9.54
C THR A 259 -11.02 1.75 -9.96
N PHE A 260 -10.09 1.67 -10.89
CA PHE A 260 -9.41 2.86 -11.40
C PHE A 260 -10.44 3.84 -11.91
N ASN A 261 -11.46 3.31 -12.60
CA ASN A 261 -12.53 4.14 -13.15
C ASN A 261 -13.15 4.92 -12.02
N GLN A 262 -13.50 4.22 -10.94
CA GLN A 262 -14.10 4.88 -9.79
C GLN A 262 -13.30 6.09 -9.32
N VAL A 263 -12.00 5.93 -9.09
CA VAL A 263 -11.22 7.06 -8.61
C VAL A 263 -10.91 8.06 -9.71
N LYS A 264 -11.07 7.63 -10.96
CA LYS A 264 -10.82 8.51 -12.08
C LYS A 264 -11.93 9.56 -12.07
N GLY A 265 -13.15 9.09 -11.89
CA GLY A 265 -14.30 9.99 -11.86
C GLY A 265 -14.46 10.77 -10.57
N ILE A 266 -13.79 10.34 -9.50
CA ILE A 266 -13.91 11.02 -8.23
C ILE A 266 -12.80 12.05 -8.03
N PHE A 267 -11.55 11.64 -8.22
CA PHE A 267 -10.42 12.55 -8.03
C PHE A 267 -9.82 13.06 -9.33
N GLY A 268 -10.37 12.64 -10.45
CA GLY A 268 -9.85 13.08 -11.73
C GLY A 268 -8.48 12.55 -12.08
N PHE A 269 -8.12 11.38 -11.55
CA PHE A 269 -6.82 10.79 -11.86
C PHE A 269 -6.79 10.48 -13.34
N THR A 270 -5.60 10.22 -13.87
CA THR A 270 -5.47 9.91 -15.27
C THR A 270 -4.41 8.83 -15.49
N ASP A 271 -4.41 8.24 -16.68
CA ASP A 271 -3.47 7.19 -17.05
C ASP A 271 -2.02 7.56 -16.80
N SER A 272 -1.74 8.86 -16.78
CA SER A 272 -0.38 9.34 -16.59
C SER A 272 0.13 9.43 -15.14
N ASP A 273 -0.78 9.37 -14.17
CA ASP A 273 -0.40 9.47 -12.77
C ASP A 273 0.34 8.22 -12.29
N CYS A 274 1.18 8.37 -11.26
CA CYS A 274 1.90 7.24 -10.71
C CYS A 274 0.90 6.35 -9.99
N ILE A 275 1.20 5.05 -9.93
CA ILE A 275 0.29 4.11 -9.29
C ILE A 275 0.14 4.40 -7.81
N GLY A 276 1.10 5.12 -7.24
CA GLY A 276 1.01 5.46 -5.83
C GLY A 276 -0.22 6.31 -5.59
N LYS A 277 -0.47 7.26 -6.49
CA LYS A 277 -1.63 8.14 -6.37
C LYS A 277 -2.94 7.41 -6.61
N ILE A 278 -2.99 6.63 -7.68
CA ILE A 278 -4.20 5.88 -8.02
C ILE A 278 -4.78 5.18 -6.80
N SER A 279 -3.91 4.56 -6.01
CA SER A 279 -4.40 3.83 -4.86
C SER A 279 -4.40 4.56 -3.51
N PHE A 280 -3.75 5.72 -3.43
CA PHE A 280 -3.72 6.42 -2.15
C PHE A 280 -5.09 6.62 -1.49
N PRO A 281 -6.14 6.87 -2.29
CA PRO A 281 -7.46 7.07 -1.67
C PRO A 281 -7.82 6.00 -0.65
N ALA A 282 -7.26 4.81 -0.83
CA ALA A 282 -7.53 3.71 0.09
C ALA A 282 -6.86 3.97 1.44
N ILE A 283 -5.71 4.62 1.41
CA ILE A 283 -4.97 4.94 2.64
C ILE A 283 -5.79 5.94 3.48
N GLN A 284 -6.42 6.90 2.83
CA GLN A 284 -7.21 7.88 3.56
C GLN A 284 -8.51 7.27 4.05
N ALA A 285 -8.97 6.24 3.36
CA ALA A 285 -10.22 5.57 3.71
C ALA A 285 -10.08 4.66 4.93
N ALA A 286 -8.97 3.94 4.99
CA ALA A 286 -8.68 2.97 6.05
C ALA A 286 -8.93 3.36 7.51
N PRO A 287 -8.53 4.57 7.92
CA PRO A 287 -8.80 4.87 9.33
C PRO A 287 -10.26 5.04 9.72
N SER A 288 -11.15 4.92 8.74
CA SER A 288 -12.58 5.05 8.98
C SER A 288 -13.11 3.80 9.68
N PHE A 289 -12.28 2.78 9.74
CA PHE A 289 -12.67 1.52 10.34
C PHE A 289 -11.82 1.20 11.56
N SER A 290 -12.51 1.05 12.69
CA SER A 290 -11.87 0.77 13.97
C SER A 290 -10.83 -0.34 14.02
N ASN A 291 -11.01 -1.43 13.27
CA ASN A 291 -10.01 -2.49 13.36
C ASN A 291 -8.68 -2.13 12.69
N SER A 292 -8.55 -0.88 12.28
CA SER A 292 -7.30 -0.39 11.68
C SER A 292 -6.42 0.04 12.86
N PHE A 293 -7.06 0.18 14.02
CA PHE A 293 -6.37 0.55 15.25
C PHE A 293 -6.65 -0.51 16.32
N PRO A 294 -6.10 -1.72 16.14
CA PRO A 294 -6.25 -2.86 17.06
C PRO A 294 -5.90 -2.53 18.50
N GLN A 295 -4.79 -1.81 18.67
CA GLN A 295 -4.30 -1.43 20.00
C GLN A 295 -5.30 -0.56 20.75
N ILE A 296 -5.92 0.38 20.04
CA ILE A 296 -6.87 1.25 20.71
C ILE A 296 -8.30 0.70 20.83
N PHE A 297 -8.77 -0.08 19.87
CA PHE A 297 -10.14 -0.61 19.96
C PHE A 297 -10.31 -2.10 20.20
N ARG A 298 -9.23 -2.78 20.59
CA ARG A 298 -9.27 -4.21 20.88
C ARG A 298 -9.95 -5.09 19.81
N ASP A 299 -9.47 -4.98 18.57
CA ASP A 299 -9.99 -5.76 17.45
C ASP A 299 -11.47 -5.56 17.11
N ARG A 300 -12.14 -4.63 17.80
CA ARG A 300 -13.54 -4.34 17.52
C ARG A 300 -13.70 -3.86 16.08
N THR A 301 -14.76 -4.31 15.43
CA THR A 301 -14.98 -3.98 14.03
C THR A 301 -16.21 -3.10 13.76
N ASP A 302 -17.02 -2.90 14.79
CA ASP A 302 -18.26 -2.15 14.66
C ASP A 302 -18.37 -0.79 15.34
N ILE A 303 -17.25 -0.16 15.65
CA ILE A 303 -17.31 1.12 16.32
C ILE A 303 -17.55 2.32 15.41
N GLN A 304 -18.68 2.99 15.63
CA GLN A 304 -19.06 4.17 14.85
C GLN A 304 -17.91 5.19 14.77
N CYS A 305 -17.69 5.71 13.58
CA CYS A 305 -16.65 6.68 13.32
C CYS A 305 -17.20 8.02 12.80
N LEU A 306 -16.73 9.12 13.39
CA LEU A 306 -17.17 10.45 12.98
C LEU A 306 -15.98 11.20 12.41
N ILE A 307 -16.10 11.66 11.17
CA ILE A 307 -15.02 12.37 10.51
C ILE A 307 -15.26 13.87 10.29
N PRO A 308 -14.62 14.74 11.08
CA PRO A 308 -14.86 16.17 10.84
C PRO A 308 -13.82 16.67 9.85
N CYS A 309 -14.25 17.40 8.82
CA CYS A 309 -13.33 17.91 7.82
C CYS A 309 -13.91 19.01 6.93
N ALA A 310 -13.05 19.64 6.13
CA ALA A 310 -13.48 20.68 5.21
C ALA A 310 -14.13 19.90 4.06
N ILE A 311 -15.15 20.48 3.41
CA ILE A 311 -15.83 19.74 2.34
C ILE A 311 -14.93 19.25 1.21
N ASP A 312 -13.76 19.86 1.04
CA ASP A 312 -12.88 19.41 -0.04
C ASP A 312 -12.36 17.99 0.20
N GLN A 313 -12.61 17.44 1.38
CA GLN A 313 -12.17 16.09 1.70
C GLN A 313 -13.29 15.07 1.53
N ASP A 314 -14.50 15.57 1.27
CA ASP A 314 -15.64 14.69 1.12
C ASP A 314 -15.49 13.58 0.08
N PRO A 315 -14.98 13.92 -1.12
CA PRO A 315 -14.84 12.86 -2.13
C PRO A 315 -14.21 11.57 -1.56
N TYR A 316 -13.14 11.72 -0.78
CA TYR A 316 -12.50 10.56 -0.16
C TYR A 316 -13.48 9.73 0.64
N PHE A 317 -14.40 10.40 1.32
CA PHE A 317 -15.32 9.66 2.16
C PHE A 317 -16.63 9.26 1.52
N ARG A 318 -16.97 9.86 0.39
CA ARG A 318 -18.17 9.44 -0.30
C ARG A 318 -17.76 8.03 -0.73
N MET A 319 -16.50 7.91 -1.17
CA MET A 319 -15.95 6.63 -1.61
C MET A 319 -15.89 5.63 -0.45
N THR A 320 -15.35 6.08 0.68
CA THR A 320 -15.26 5.20 1.84
C THR A 320 -16.62 4.67 2.25
N ARG A 321 -17.62 5.53 2.31
CA ARG A 321 -18.97 5.13 2.69
C ARG A 321 -19.53 4.09 1.72
N ASP A 322 -19.12 4.17 0.46
CA ASP A 322 -19.58 3.22 -0.54
C ASP A 322 -19.03 1.82 -0.33
N VAL A 323 -17.71 1.72 -0.19
CA VAL A 323 -17.07 0.43 0.00
C VAL A 323 -17.38 -0.23 1.33
N ALA A 324 -17.53 0.58 2.38
CA ALA A 324 -17.79 0.08 3.73
C ALA A 324 -18.68 -1.17 3.80
N PRO A 325 -19.92 -1.10 3.28
CA PRO A 325 -20.82 -2.26 3.32
C PRO A 325 -20.23 -3.43 2.54
N ARG A 326 -19.65 -3.12 1.39
CA ARG A 326 -19.05 -4.14 0.55
C ARG A 326 -17.98 -4.95 1.26
N ILE A 327 -17.46 -4.44 2.37
CA ILE A 327 -16.44 -5.17 3.12
C ILE A 327 -16.80 -5.41 4.58
N GLY A 328 -18.10 -5.40 4.85
CA GLY A 328 -18.58 -5.67 6.20
C GLY A 328 -18.40 -4.65 7.32
N TYR A 329 -18.02 -3.42 6.98
CA TYR A 329 -17.83 -2.38 8.01
C TYR A 329 -18.91 -1.31 7.95
N PRO A 330 -19.12 -0.60 9.06
CA PRO A 330 -20.13 0.45 9.08
C PRO A 330 -19.59 1.68 8.35
N LYS A 331 -20.48 2.56 7.91
CA LYS A 331 -20.07 3.76 7.19
C LYS A 331 -19.67 4.88 8.15
N PRO A 332 -18.65 5.68 7.78
CA PRO A 332 -18.22 6.78 8.64
C PRO A 332 -19.15 7.99 8.48
N ALA A 333 -19.44 8.68 9.59
CA ALA A 333 -20.28 9.86 9.53
C ALA A 333 -19.36 11.03 9.28
N LEU A 334 -19.92 12.13 8.80
CA LEU A 334 -19.11 13.31 8.53
C LEU A 334 -19.72 14.61 9.01
N LEU A 335 -18.85 15.58 9.21
CA LEU A 335 -19.23 16.93 9.61
C LEU A 335 -18.33 17.80 8.74
N HIS A 336 -18.95 18.48 7.77
CA HIS A 336 -18.23 19.33 6.82
C HIS A 336 -18.14 20.79 7.26
N SER A 337 -16.97 21.40 7.04
CA SER A 337 -16.76 22.80 7.35
C SER A 337 -16.56 23.52 6.03
N THR A 338 -16.79 24.83 6.04
CA THR A 338 -16.62 25.69 4.87
C THR A 338 -15.13 25.96 4.72
N PHE A 339 -14.74 26.61 3.64
CA PHE A 339 -13.34 26.94 3.43
C PHE A 339 -12.99 28.23 4.15
N PHE A 340 -11.81 28.29 4.74
CA PHE A 340 -11.35 29.50 5.40
C PHE A 340 -10.89 30.35 4.21
N PRO A 341 -11.42 31.58 4.08
CA PRO A 341 -11.08 32.49 2.99
C PRO A 341 -9.63 32.94 2.89
N ALA A 342 -9.20 33.20 1.67
CA ALA A 342 -7.85 33.70 1.44
C ALA A 342 -7.94 35.20 1.68
N LEU A 343 -6.85 35.82 2.07
CA LEU A 343 -6.87 37.26 2.32
C LEU A 343 -7.46 38.10 1.19
N GLN A 344 -7.03 37.84 -0.04
CA GLN A 344 -7.53 38.62 -1.16
C GLN A 344 -8.96 38.38 -1.58
N GLY A 345 -9.69 37.54 -0.85
CA GLY A 345 -11.07 37.30 -1.23
C GLY A 345 -11.51 35.86 -1.06
N ALA A 346 -12.79 35.70 -0.71
CA ALA A 346 -13.39 34.39 -0.51
C ALA A 346 -13.53 33.61 -1.81
N GLN A 347 -13.00 34.17 -2.90
CA GLN A 347 -13.08 33.50 -4.19
C GLN A 347 -12.15 32.29 -4.15
N THR A 348 -11.08 32.43 -3.38
CA THR A 348 -10.09 31.38 -3.23
C THR A 348 -10.07 30.87 -1.79
N LYS A 349 -9.36 29.77 -1.59
CA LYS A 349 -9.20 29.15 -0.28
C LYS A 349 -7.80 29.51 0.21
N MET A 350 -7.68 29.86 1.49
CA MET A 350 -6.38 30.21 2.04
C MET A 350 -5.43 29.05 1.78
N SER A 351 -4.40 29.28 0.96
CA SER A 351 -3.43 28.23 0.62
C SER A 351 -2.02 28.56 1.06
N ALA A 352 -1.37 27.59 1.70
CA ALA A 352 -0.01 27.74 2.21
C ALA A 352 1.02 28.10 1.13
N SER A 353 0.61 28.03 -0.13
CA SER A 353 1.52 28.36 -1.23
C SER A 353 1.70 29.88 -1.37
N ASP A 354 0.63 30.64 -1.19
CA ASP A 354 0.69 32.11 -1.28
C ASP A 354 1.03 32.65 0.11
N PRO A 355 2.28 33.05 0.33
CA PRO A 355 2.70 33.59 1.63
C PRO A 355 1.78 34.63 2.24
N ASN A 356 1.27 35.54 1.40
CA ASN A 356 0.37 36.58 1.90
C ASN A 356 -1.09 36.35 1.51
N SER A 357 -1.48 35.09 1.37
CA SER A 357 -2.85 34.74 1.06
C SER A 357 -3.36 34.19 2.37
N SER A 358 -2.40 33.96 3.27
CA SER A 358 -2.67 33.40 4.57
C SER A 358 -1.93 34.07 5.72
N ILE A 359 -2.40 33.79 6.92
CA ILE A 359 -1.79 34.30 8.13
C ILE A 359 -1.24 33.02 8.77
N PHE A 360 0.05 32.79 8.56
CA PHE A 360 0.70 31.60 9.09
C PHE A 360 0.85 31.62 10.61
N LEU A 361 0.82 30.43 11.20
CA LEU A 361 0.93 30.28 12.64
C LEU A 361 2.26 30.76 13.22
N THR A 362 3.21 31.08 12.35
CA THR A 362 4.51 31.55 12.82
C THR A 362 4.64 33.07 12.76
N ASP A 363 3.68 33.73 12.13
CA ASP A 363 3.71 35.18 12.00
C ASP A 363 3.79 35.93 13.32
N THR A 364 4.52 37.05 13.30
CA THR A 364 4.69 37.90 14.47
C THR A 364 3.51 38.86 14.53
N ALA A 365 3.32 39.47 15.69
CA ALA A 365 2.23 40.42 15.87
C ALA A 365 2.22 41.43 14.74
N LYS A 366 3.38 41.99 14.43
CA LYS A 366 3.50 42.99 13.38
C LYS A 366 3.09 42.45 12.00
N GLN A 367 3.51 41.23 11.69
CA GLN A 367 3.18 40.62 10.41
C GLN A 367 1.67 40.36 10.27
N ILE A 368 1.01 40.09 11.39
CA ILE A 368 -0.43 39.84 11.39
C ILE A 368 -1.13 41.16 11.09
N LYS A 369 -0.71 42.20 11.80
CA LYS A 369 -1.26 43.54 11.62
C LYS A 369 -1.10 43.97 10.16
N THR A 370 0.12 43.81 9.65
CA THR A 370 0.45 44.18 8.29
C THR A 370 -0.40 43.44 7.27
N LYS A 371 -0.49 42.12 7.41
CA LYS A 371 -1.27 41.30 6.49
C LYS A 371 -2.73 41.71 6.44
N VAL A 372 -3.34 41.93 7.60
CA VAL A 372 -4.75 42.32 7.62
C VAL A 372 -4.99 43.67 6.96
N ASN A 373 -4.31 44.70 7.46
CA ASN A 373 -4.48 46.05 6.92
C ASN A 373 -4.15 46.15 5.44
N LYS A 374 -3.01 45.57 5.04
CA LYS A 374 -2.58 45.65 3.66
C LYS A 374 -3.20 44.64 2.67
N HIS A 375 -3.48 43.42 3.14
CA HIS A 375 -4.00 42.41 2.23
C HIS A 375 -5.40 41.84 2.38
N ALA A 376 -6.08 42.12 3.48
CA ALA A 376 -7.42 41.57 3.66
C ALA A 376 -8.46 42.30 2.78
N PHE A 377 -8.97 41.60 1.77
CA PHE A 377 -9.97 42.19 0.88
C PHE A 377 -11.07 42.91 1.68
N SER A 378 -11.37 44.13 1.28
CA SER A 378 -12.38 44.92 1.98
C SER A 378 -13.76 44.95 1.36
N GLY A 379 -14.77 44.85 2.21
CA GLY A 379 -16.14 44.89 1.74
C GLY A 379 -16.67 46.31 1.86
N GLY A 380 -15.80 47.23 2.27
CA GLY A 380 -16.19 48.61 2.41
C GLY A 380 -16.37 49.28 1.05
N ARG A 381 -16.90 50.51 1.07
CA ARG A 381 -17.11 51.26 -0.17
C ARG A 381 -15.82 51.93 -0.62
N ASP A 382 -15.76 52.29 -1.91
CA ASP A 382 -14.56 52.92 -2.44
C ASP A 382 -14.14 54.16 -1.66
N THR A 383 -15.10 55.02 -1.34
CA THR A 383 -14.81 56.23 -0.57
C THR A 383 -15.51 56.19 0.78
N ILE A 384 -15.02 57.01 1.71
CA ILE A 384 -15.59 57.05 3.04
C ILE A 384 -16.99 57.64 3.01
N GLU A 385 -17.27 58.48 2.02
CA GLU A 385 -18.58 59.09 1.89
C GLU A 385 -19.60 58.01 1.51
N GLU A 386 -19.27 57.20 0.51
CA GLU A 386 -20.17 56.13 0.08
C GLU A 386 -20.40 55.18 1.25
N HIS A 387 -19.37 55.01 2.07
CA HIS A 387 -19.43 54.10 3.21
C HIS A 387 -20.45 54.53 4.27
N ARG A 388 -20.41 55.79 4.70
CA ARG A 388 -21.35 56.27 5.71
C ARG A 388 -22.78 56.24 5.18
N GLN A 389 -22.92 56.38 3.87
CA GLN A 389 -24.23 56.40 3.26
C GLN A 389 -24.80 55.02 2.94
N PHE A 390 -23.99 54.15 2.34
CA PHE A 390 -24.49 52.83 1.97
C PHE A 390 -23.90 51.67 2.77
N GLY A 391 -22.95 51.99 3.64
CA GLY A 391 -22.34 50.99 4.50
C GLY A 391 -21.50 49.92 3.86
N GLY A 392 -20.78 49.18 4.69
CA GLY A 392 -19.94 48.11 4.20
C GLY A 392 -20.72 46.85 3.92
N ASN A 393 -20.08 45.89 3.27
CA ASN A 393 -20.71 44.62 2.94
C ASN A 393 -19.95 43.47 3.59
N CYS A 394 -20.55 42.90 4.63
CA CYS A 394 -19.96 41.80 5.38
C CYS A 394 -19.84 40.48 4.64
N ASP A 395 -20.66 40.28 3.61
CA ASP A 395 -20.63 39.03 2.86
C ASP A 395 -19.43 38.86 1.93
N VAL A 396 -18.71 39.95 1.67
CA VAL A 396 -17.56 39.87 0.80
C VAL A 396 -16.30 40.31 1.54
N ASP A 397 -16.49 40.85 2.73
CA ASP A 397 -15.35 41.32 3.52
C ASP A 397 -14.63 40.18 4.21
N VAL A 398 -13.37 39.97 3.85
CA VAL A 398 -12.57 38.90 4.42
C VAL A 398 -12.31 39.07 5.91
N SER A 399 -11.97 40.28 6.35
CA SER A 399 -11.73 40.54 7.77
C SER A 399 -12.93 40.12 8.63
N PHE A 400 -14.14 40.41 8.15
CA PHE A 400 -15.32 40.05 8.91
C PHE A 400 -15.53 38.54 8.94
N MET A 401 -15.23 37.89 7.82
CA MET A 401 -15.36 36.44 7.74
C MET A 401 -14.44 35.81 8.79
N TYR A 402 -13.23 36.33 8.92
CA TYR A 402 -12.29 35.82 9.91
C TYR A 402 -12.85 36.00 11.32
N LEU A 403 -13.51 37.13 11.56
CA LEU A 403 -14.08 37.37 12.88
C LEU A 403 -15.15 36.34 13.21
N THR A 404 -15.93 35.92 12.22
CA THR A 404 -16.97 34.94 12.48
C THR A 404 -16.35 33.61 12.90
N PHE A 405 -15.10 33.38 12.49
CA PHE A 405 -14.36 32.15 12.84
C PHE A 405 -13.69 32.26 14.20
N PHE A 406 -13.20 33.45 14.55
CA PHE A 406 -12.47 33.60 15.81
C PHE A 406 -13.00 34.51 16.90
N LEU A 407 -14.02 35.30 16.62
CA LEU A 407 -14.58 36.17 17.66
C LEU A 407 -15.56 35.27 18.41
N GLU A 408 -15.23 34.93 19.65
CA GLU A 408 -16.08 34.03 20.45
C GLU A 408 -17.39 34.66 20.88
N ASP A 409 -17.33 35.91 21.34
CA ASP A 409 -18.53 36.62 21.80
C ASP A 409 -19.52 36.96 20.68
N ASP A 410 -20.65 36.25 20.67
CA ASP A 410 -21.68 36.47 19.68
C ASP A 410 -22.16 37.92 19.59
N ASP A 411 -22.43 38.54 20.75
CA ASP A 411 -22.91 39.92 20.74
C ASP A 411 -21.96 40.91 20.10
N LYS A 412 -20.67 40.82 20.45
CA LYS A 412 -19.71 41.73 19.87
C LYS A 412 -19.65 41.54 18.36
N LEU A 413 -19.70 40.28 17.91
CA LEU A 413 -19.67 39.98 16.49
C LEU A 413 -20.85 40.65 15.78
N GLU A 414 -22.02 40.57 16.40
CA GLU A 414 -23.21 41.17 15.83
C GLU A 414 -23.11 42.69 15.79
N GLN A 415 -22.54 43.27 16.83
CA GLN A 415 -22.38 44.71 16.89
C GLN A 415 -21.49 45.18 15.76
N ILE A 416 -20.38 44.48 15.56
CA ILE A 416 -19.44 44.81 14.49
C ILE A 416 -20.13 44.64 13.15
N ARG A 417 -20.93 43.58 13.02
CA ARG A 417 -21.66 43.34 11.78
C ARG A 417 -22.62 44.52 11.54
N LYS A 418 -23.45 44.84 12.52
CA LYS A 418 -24.44 45.91 12.41
C LYS A 418 -23.80 47.25 12.06
N ASP A 419 -22.77 47.61 12.81
CA ASP A 419 -22.09 48.87 12.60
C ASP A 419 -21.33 48.98 11.29
N TYR A 420 -20.77 47.86 10.82
CA TYR A 420 -20.05 47.92 9.57
C TYR A 420 -21.05 48.10 8.44
N THR A 421 -22.18 47.41 8.54
CA THR A 421 -23.22 47.48 7.52
C THR A 421 -23.89 48.85 7.49
N SER A 422 -24.08 49.45 8.65
CA SER A 422 -24.71 50.77 8.77
C SER A 422 -23.74 51.84 8.30
N GLY A 423 -22.48 51.47 8.14
CA GLY A 423 -21.49 52.42 7.70
C GLY A 423 -20.88 53.19 8.86
N ALA A 424 -21.41 52.98 10.06
CA ALA A 424 -20.91 53.66 11.25
C ALA A 424 -19.46 53.29 11.52
N MET A 425 -19.10 52.05 11.20
CA MET A 425 -17.73 51.58 11.40
C MET A 425 -16.98 51.52 10.06
N LEU A 426 -15.75 51.99 10.04
CA LEU A 426 -14.92 51.99 8.85
C LEU A 426 -14.14 50.68 8.80
N THR A 427 -13.66 50.28 7.63
CA THR A 427 -12.93 49.03 7.51
C THR A 427 -11.66 49.04 8.36
N GLY A 428 -11.10 50.22 8.58
CA GLY A 428 -9.90 50.31 9.39
C GLY A 428 -10.20 49.87 10.82
N GLU A 429 -11.37 50.27 11.32
CA GLU A 429 -11.77 49.92 12.68
C GLU A 429 -12.06 48.43 12.74
N LEU A 430 -12.74 47.91 11.71
CA LEU A 430 -13.06 46.50 11.65
C LEU A 430 -11.73 45.77 11.64
N LYS A 431 -10.82 46.22 10.77
CA LYS A 431 -9.49 45.63 10.66
C LYS A 431 -8.80 45.59 12.02
N LYS A 432 -8.91 46.68 12.76
CA LYS A 432 -8.31 46.78 14.07
C LYS A 432 -8.90 45.75 15.04
N ALA A 433 -10.20 45.49 14.91
CA ALA A 433 -10.85 44.52 15.78
C ALA A 433 -10.33 43.10 15.51
N LEU A 434 -10.19 42.76 14.23
CA LEU A 434 -9.69 41.43 13.86
C LEU A 434 -8.27 41.23 14.36
N ILE A 435 -7.43 42.25 14.20
CA ILE A 435 -6.05 42.16 14.64
C ILE A 435 -5.96 41.94 16.16
N GLU A 436 -6.90 42.50 16.90
CA GLU A 436 -6.87 42.32 18.35
C GLU A 436 -7.33 40.91 18.72
N VAL A 437 -7.93 40.24 17.75
CA VAL A 437 -8.40 38.88 17.96
C VAL A 437 -7.33 37.88 17.51
N LEU A 438 -6.77 38.09 16.32
CA LEU A 438 -5.76 37.21 15.76
C LEU A 438 -4.41 37.17 16.49
N GLN A 439 -3.96 38.32 17.00
CA GLN A 439 -2.66 38.36 17.66
C GLN A 439 -2.58 37.52 18.92
N PRO A 440 -3.52 37.70 19.87
CA PRO A 440 -3.41 36.85 21.07
C PRO A 440 -3.58 35.38 20.69
N LEU A 441 -4.45 35.12 19.72
CA LEU A 441 -4.71 33.76 19.24
C LEU A 441 -3.44 33.08 18.78
N ILE A 442 -2.80 33.66 17.77
CA ILE A 442 -1.57 33.11 17.23
C ILE A 442 -0.44 33.10 18.25
N ALA A 443 -0.39 34.15 19.06
CA ALA A 443 0.63 34.25 20.09
C ALA A 443 0.52 33.07 21.04
N GLU A 444 -0.70 32.81 21.51
CA GLU A 444 -0.97 31.72 22.43
C GLU A 444 -0.62 30.35 21.83
N HIS A 445 -0.91 30.20 20.54
CA HIS A 445 -0.62 28.95 19.86
C HIS A 445 0.88 28.75 19.78
N GLN A 446 1.60 29.80 19.39
CA GLN A 446 3.04 29.70 19.28
C GLN A 446 3.66 29.35 20.64
N ALA A 447 3.05 29.85 21.71
CA ALA A 447 3.52 29.60 23.06
C ALA A 447 3.25 28.17 23.50
N ARG A 448 2.07 27.65 23.12
CA ARG A 448 1.70 26.29 23.47
C ARG A 448 2.53 25.30 22.67
N ARG A 449 2.81 25.66 21.41
CA ARG A 449 3.60 24.80 20.55
C ARG A 449 5.01 24.65 21.10
N LYS A 450 5.50 25.70 21.75
CA LYS A 450 6.85 25.65 22.30
C LYS A 450 6.91 24.68 23.47
N GLU A 451 5.74 24.33 24.01
CA GLU A 451 5.64 23.39 25.13
C GLU A 451 5.62 21.94 24.67
N VAL A 452 5.55 21.72 23.36
CA VAL A 452 5.53 20.36 22.85
C VAL A 452 6.96 19.83 22.69
N THR A 453 7.40 19.09 23.70
CA THR A 453 8.75 18.51 23.71
C THR A 453 8.83 17.30 22.79
N ASP A 454 10.04 16.92 22.41
CA ASP A 454 10.24 15.77 21.54
C ASP A 454 9.54 14.54 22.10
N GLU A 455 9.75 14.29 23.39
CA GLU A 455 9.14 13.15 24.06
C GLU A 455 7.61 13.17 23.98
N ILE A 456 7.02 14.36 23.97
CA ILE A 456 5.57 14.47 23.89
C ILE A 456 5.04 14.08 22.51
N VAL A 457 5.70 14.59 21.47
CA VAL A 457 5.28 14.28 20.11
C VAL A 457 5.40 12.78 19.88
N LYS A 458 6.42 12.19 20.48
CA LYS A 458 6.67 10.76 20.35
C LYS A 458 5.57 9.92 20.98
N GLU A 459 5.14 10.25 22.19
CA GLU A 459 4.08 9.48 22.84
C GLU A 459 2.78 9.58 22.06
N PHE A 460 2.50 10.76 21.54
CA PHE A 460 1.28 10.99 20.76
C PHE A 460 1.26 10.11 19.50
N MET A 461 2.42 9.96 18.88
CA MET A 461 2.54 9.17 17.66
C MET A 461 2.87 7.69 17.88
N THR A 462 2.90 7.27 19.14
CA THR A 462 3.20 5.88 19.48
C THR A 462 1.94 5.04 19.57
N PRO A 463 1.80 4.03 18.70
CA PRO A 463 0.59 3.23 18.81
C PRO A 463 0.52 2.66 20.23
N ARG A 464 -0.64 2.80 20.86
CA ARG A 464 -0.80 2.34 22.22
C ARG A 464 -2.25 2.33 22.56
N LYS A 465 -2.59 1.68 23.66
CA LYS A 465 -3.97 1.65 24.08
C LYS A 465 -4.25 3.06 24.62
N LEU A 466 -5.47 3.55 24.44
CA LEU A 466 -5.83 4.86 24.93
C LEU A 466 -6.64 4.67 26.20
N SER A 467 -6.98 5.77 26.86
CA SER A 467 -7.74 5.69 28.10
C SER A 467 -9.22 5.37 27.86
N PHE A 468 -9.47 4.31 27.12
CA PHE A 468 -10.82 3.86 26.83
C PHE A 468 -10.80 2.35 26.73
N ASP A 469 -11.86 1.70 27.23
CA ASP A 469 -11.93 0.25 27.19
C ASP A 469 -13.01 -0.24 26.26
N PHE A 470 -12.66 -1.28 25.50
CA PHE A 470 -13.60 -1.89 24.57
C PHE A 470 -13.57 -3.39 24.77
N GLN A 471 -14.75 -3.97 24.98
CA GLN A 471 -14.87 -5.41 25.21
C GLN A 471 -15.23 -6.14 23.94
N HIS A 472 -14.41 -7.13 23.61
CA HIS A 472 -14.60 -7.91 22.40
C HIS A 472 -14.56 -9.41 22.70
N HIS A 473 -15.66 -9.96 23.21
CA HIS A 473 -15.75 -11.37 23.55
C HIS A 473 -16.20 -12.29 22.42
N HIS A 474 -15.62 -13.49 22.38
CA HIS A 474 -15.94 -14.51 21.38
C HIS A 474 -15.07 -15.73 21.64
N HIS A 475 -15.60 -16.91 21.37
CA HIS A 475 -14.84 -18.14 21.61
C HIS A 475 -13.88 -18.48 20.47
N SER B 94 3.42 -24.89 -30.87
CA SER B 94 4.44 -25.93 -31.20
C SER B 94 4.55 -26.98 -30.09
N ALA B 95 4.58 -28.24 -30.49
CA ALA B 95 4.69 -29.34 -29.53
C ALA B 95 6.07 -29.41 -28.91
N LYS B 96 7.02 -28.66 -29.47
CA LYS B 96 8.39 -28.63 -28.96
C LYS B 96 8.48 -27.71 -27.75
N GLY B 97 7.36 -27.09 -27.40
CA GLY B 97 7.33 -26.16 -26.29
C GLY B 97 7.46 -24.78 -26.93
N ILE B 98 7.59 -23.73 -26.12
CA ILE B 98 7.70 -22.41 -26.69
C ILE B 98 9.14 -22.12 -27.11
N ASP B 99 9.29 -21.13 -28.00
CA ASP B 99 10.62 -20.77 -28.47
C ASP B 99 11.24 -19.83 -27.45
N TYR B 100 12.16 -20.37 -26.65
CA TYR B 100 12.80 -19.59 -25.62
C TYR B 100 13.88 -18.68 -26.17
N ASP B 101 14.53 -19.08 -27.26
CA ASP B 101 15.55 -18.23 -27.87
C ASP B 101 14.92 -16.92 -28.30
N LYS B 102 13.72 -17.00 -28.87
CA LYS B 102 13.01 -15.80 -29.32
C LYS B 102 12.47 -15.03 -28.12
N LEU B 103 12.07 -15.76 -27.10
CA LEU B 103 11.54 -15.16 -25.89
C LEU B 103 12.62 -14.27 -25.28
N ILE B 104 13.86 -14.76 -25.31
CA ILE B 104 14.99 -14.00 -24.78
C ILE B 104 15.09 -12.68 -25.52
N VAL B 105 15.09 -12.77 -26.85
CA VAL B 105 15.21 -11.61 -27.70
C VAL B 105 14.13 -10.55 -27.48
N ARG B 106 12.86 -10.92 -27.56
CA ARG B 106 11.84 -9.92 -27.37
C ARG B 106 11.66 -9.49 -25.92
N PHE B 107 12.46 -10.07 -25.03
CA PHE B 107 12.39 -9.70 -23.62
C PHE B 107 13.58 -8.83 -23.24
N GLY B 108 14.59 -8.82 -24.10
CA GLY B 108 15.76 -8.02 -23.85
C GLY B 108 16.76 -8.66 -22.91
N SER B 109 16.49 -9.88 -22.47
CA SER B 109 17.41 -10.56 -21.58
C SER B 109 18.58 -11.11 -22.38
N SER B 110 19.47 -11.82 -21.70
CA SER B 110 20.63 -12.41 -22.37
C SER B 110 20.70 -13.89 -22.02
N LYS B 111 21.11 -14.70 -23.00
CA LYS B 111 21.19 -16.15 -22.81
C LYS B 111 22.32 -16.62 -21.91
N ILE B 112 22.08 -17.74 -21.25
CA ILE B 112 23.07 -18.35 -20.38
C ILE B 112 23.88 -19.28 -21.26
N ASP B 113 25.08 -18.86 -21.61
CA ASP B 113 25.96 -19.64 -22.47
C ASP B 113 27.01 -20.46 -21.72
N LYS B 114 27.73 -21.30 -22.45
CA LYS B 114 28.76 -22.16 -21.86
C LYS B 114 29.73 -21.31 -21.06
N GLU B 115 30.03 -20.12 -21.58
CA GLU B 115 30.93 -19.19 -20.94
C GLU B 115 30.46 -18.88 -19.51
N LEU B 116 29.23 -18.38 -19.39
CA LEU B 116 28.67 -18.04 -18.09
C LEU B 116 28.56 -19.27 -17.19
N ILE B 117 28.22 -20.42 -17.76
CA ILE B 117 28.11 -21.63 -16.97
C ILE B 117 29.46 -22.09 -16.47
N ASN B 118 30.51 -21.82 -17.26
CA ASN B 118 31.85 -22.21 -16.86
C ASN B 118 32.35 -21.29 -15.76
N ARG B 119 31.98 -20.01 -15.86
CA ARG B 119 32.39 -19.07 -14.85
C ARG B 119 31.74 -19.43 -13.52
N ILE B 120 30.45 -19.77 -13.54
CA ILE B 120 29.75 -20.13 -12.32
C ILE B 120 30.45 -21.32 -11.66
N GLU B 121 30.87 -22.29 -12.46
CA GLU B 121 31.58 -23.45 -11.92
C GLU B 121 32.93 -23.02 -11.38
N ARG B 122 33.57 -22.09 -12.09
CA ARG B 122 34.88 -21.61 -11.70
C ARG B 122 34.82 -20.87 -10.36
N ALA B 123 33.97 -19.86 -10.28
CA ALA B 123 33.82 -19.07 -9.05
C ALA B 123 33.48 -19.93 -7.84
N THR B 124 32.55 -20.86 -8.01
CA THR B 124 32.09 -21.74 -6.95
C THR B 124 32.95 -22.97 -6.70
N GLY B 125 33.61 -23.47 -7.73
CA GLY B 125 34.43 -24.66 -7.57
C GLY B 125 33.56 -25.91 -7.61
N GLN B 126 32.27 -25.72 -7.86
CA GLN B 126 31.30 -26.83 -7.93
C GLN B 126 30.81 -27.07 -9.35
N ARG B 127 30.36 -28.30 -9.60
CA ARG B 127 29.81 -28.60 -10.92
C ARG B 127 28.45 -27.91 -10.95
N PRO B 128 28.15 -27.18 -12.02
CA PRO B 128 26.85 -26.50 -12.09
C PRO B 128 25.65 -27.45 -12.06
N HIS B 129 24.59 -27.02 -11.38
CA HIS B 129 23.34 -27.77 -11.27
C HIS B 129 22.85 -28.18 -12.67
N HIS B 130 22.19 -29.33 -12.77
CA HIS B 130 21.72 -29.78 -14.09
C HIS B 130 20.76 -28.82 -14.79
N PHE B 131 20.05 -27.99 -14.02
CA PHE B 131 19.12 -27.04 -14.64
C PHE B 131 19.88 -26.11 -15.58
N LEU B 132 21.13 -25.82 -15.25
CA LEU B 132 21.96 -24.94 -16.08
C LEU B 132 22.59 -25.73 -17.23
N ARG B 133 23.10 -26.92 -16.91
CA ARG B 133 23.72 -27.77 -17.93
C ARG B 133 22.74 -28.15 -19.03
N ARG B 134 21.48 -28.39 -18.67
CA ARG B 134 20.46 -28.80 -19.62
C ARG B 134 19.56 -27.69 -20.17
N GLY B 135 19.91 -26.44 -19.90
CA GLY B 135 19.12 -25.34 -20.42
C GLY B 135 17.79 -25.03 -19.76
N ILE B 136 17.51 -25.62 -18.60
CA ILE B 136 16.26 -25.35 -17.90
C ILE B 136 16.29 -23.91 -17.38
N PHE B 137 17.39 -23.51 -16.76
CA PHE B 137 17.57 -22.12 -16.35
C PHE B 137 18.47 -21.65 -17.50
N PHE B 138 17.85 -20.97 -18.45
CA PHE B 138 18.51 -20.54 -19.69
C PHE B 138 18.77 -19.05 -19.90
N SER B 139 18.10 -18.19 -19.15
CA SER B 139 18.24 -16.75 -19.32
C SER B 139 18.66 -16.02 -18.05
N HIS B 140 19.13 -14.78 -18.21
CA HIS B 140 19.55 -14.00 -17.05
C HIS B 140 19.72 -12.52 -17.33
N ARG B 141 19.98 -11.78 -16.27
CA ARG B 141 20.20 -10.34 -16.33
C ARG B 141 21.23 -10.04 -15.24
N ASP B 142 22.41 -9.57 -15.65
CA ASP B 142 23.50 -9.22 -14.75
C ASP B 142 24.08 -10.34 -13.90
N MET B 143 24.00 -11.59 -14.37
CA MET B 143 24.55 -12.68 -13.57
C MET B 143 26.06 -12.52 -13.41
N ASN B 144 26.70 -11.84 -14.37
CA ASN B 144 28.14 -11.63 -14.29
C ASN B 144 28.46 -10.64 -13.17
N GLN B 145 27.54 -9.71 -12.94
CA GLN B 145 27.70 -8.72 -11.87
C GLN B 145 27.71 -9.49 -10.55
N VAL B 146 26.74 -10.36 -10.37
CA VAL B 146 26.67 -11.17 -9.16
C VAL B 146 27.97 -11.94 -9.00
N LEU B 147 28.48 -12.47 -10.11
CA LEU B 147 29.71 -13.23 -10.08
C LEU B 147 30.90 -12.34 -9.75
N ASP B 148 30.91 -11.12 -10.26
CA ASP B 148 32.00 -10.21 -9.92
C ASP B 148 31.96 -10.03 -8.40
N ALA B 149 30.81 -9.60 -7.90
CA ALA B 149 30.63 -9.37 -6.47
C ALA B 149 31.06 -10.57 -5.65
N TYR B 150 30.56 -11.75 -6.00
CA TYR B 150 30.93 -12.96 -5.26
C TYR B 150 32.43 -13.21 -5.40
N GLU B 151 32.97 -12.85 -6.56
CA GLU B 151 34.38 -13.01 -6.89
C GLU B 151 35.24 -12.20 -5.92
N ASN B 152 34.78 -10.99 -5.61
CA ASN B 152 35.48 -10.06 -4.72
C ASN B 152 35.00 -10.08 -3.27
N LYS B 153 34.53 -11.23 -2.82
CA LYS B 153 34.05 -11.37 -1.45
C LYS B 153 32.91 -10.42 -1.07
N LYS B 154 32.38 -9.68 -2.04
CA LYS B 154 31.26 -8.76 -1.78
C LYS B 154 29.98 -9.57 -1.53
N PRO B 155 29.08 -9.06 -0.68
CA PRO B 155 27.84 -9.77 -0.37
C PRO B 155 26.73 -9.64 -1.41
N PHE B 156 25.77 -10.54 -1.32
CA PHE B 156 24.60 -10.53 -2.18
C PHE B 156 23.59 -11.49 -1.57
N TYR B 157 22.32 -11.33 -1.91
CA TYR B 157 21.29 -12.21 -1.36
C TYR B 157 20.34 -12.72 -2.42
N LEU B 158 19.60 -13.77 -2.08
CA LEU B 158 18.64 -14.39 -2.99
C LEU B 158 17.19 -13.98 -2.72
N TYR B 159 16.40 -13.96 -3.78
CA TYR B 159 14.99 -13.59 -3.64
C TYR B 159 14.06 -14.18 -4.71
N THR B 160 13.07 -14.94 -4.23
CA THR B 160 12.02 -15.54 -5.07
C THR B 160 10.70 -15.42 -4.34
N GLY B 161 9.63 -15.82 -5.00
CA GLY B 161 8.32 -15.74 -4.40
C GLY B 161 7.39 -16.86 -4.80
N ARG B 162 6.19 -16.80 -4.27
CA ARG B 162 5.17 -17.80 -4.50
C ARG B 162 3.80 -17.17 -4.29
N GLY B 163 2.96 -17.24 -5.32
CA GLY B 163 1.62 -16.70 -5.21
C GLY B 163 0.79 -17.83 -4.65
N PRO B 164 0.40 -17.76 -3.36
CA PRO B 164 -0.39 -18.81 -2.72
C PRO B 164 -1.85 -18.85 -3.15
N SER B 165 -2.07 -19.28 -4.40
CA SER B 165 -3.40 -19.37 -4.98
C SER B 165 -4.26 -20.38 -4.25
N SER B 166 -3.60 -21.37 -3.62
CA SER B 166 -4.31 -22.40 -2.88
C SER B 166 -3.33 -23.35 -2.21
N GLU B 167 -3.85 -24.28 -1.42
CA GLU B 167 -3.04 -25.26 -0.71
C GLU B 167 -2.48 -26.32 -1.65
N ALA B 168 -2.96 -26.33 -2.89
CA ALA B 168 -2.51 -27.31 -3.88
C ALA B 168 -1.39 -26.80 -4.76
N MET B 169 -0.25 -27.49 -4.68
CA MET B 169 0.91 -27.14 -5.49
C MET B 169 1.28 -28.36 -6.31
N HIS B 170 1.85 -28.14 -7.50
CA HIS B 170 2.26 -29.24 -8.37
C HIS B 170 3.76 -29.21 -8.55
N VAL B 171 4.34 -30.26 -9.14
CA VAL B 171 5.78 -30.33 -9.32
C VAL B 171 6.37 -29.15 -10.07
N GLY B 172 5.56 -28.55 -10.94
CA GLY B 172 6.05 -27.41 -11.70
C GLY B 172 6.48 -26.30 -10.75
N HIS B 173 5.67 -26.05 -9.74
CA HIS B 173 5.95 -25.02 -8.76
C HIS B 173 7.30 -25.19 -8.06
N LEU B 174 7.76 -26.42 -7.93
CA LEU B 174 9.03 -26.70 -7.26
C LEU B 174 10.29 -26.28 -8.02
N ILE B 175 10.25 -26.30 -9.35
CA ILE B 175 11.44 -25.98 -10.14
C ILE B 175 12.27 -24.79 -9.66
N PRO B 176 11.71 -23.57 -9.67
CA PRO B 176 12.48 -22.42 -9.19
C PRO B 176 13.00 -22.58 -7.75
N PHE B 177 12.22 -23.22 -6.90
CA PHE B 177 12.64 -23.41 -5.52
C PHE B 177 13.77 -24.42 -5.41
N ILE B 178 13.69 -25.50 -6.19
CA ILE B 178 14.72 -26.52 -6.18
C ILE B 178 16.05 -25.84 -6.55
N PHE B 179 15.99 -24.97 -7.54
CA PHE B 179 17.17 -24.28 -7.99
C PHE B 179 17.66 -23.27 -6.95
N THR B 180 16.75 -22.43 -6.45
CA THR B 180 17.11 -21.42 -5.46
C THR B 180 17.83 -22.08 -4.28
N LYS B 181 17.37 -23.27 -3.90
CA LYS B 181 17.98 -24.00 -2.79
C LYS B 181 19.42 -24.37 -3.13
N TRP B 182 19.68 -24.71 -4.39
CA TRP B 182 21.02 -25.06 -4.79
C TRP B 182 21.89 -23.80 -4.75
N LEU B 183 21.35 -22.71 -5.28
CA LEU B 183 22.08 -21.43 -5.28
C LEU B 183 22.46 -21.04 -3.86
N GLN B 184 21.55 -21.21 -2.93
CA GLN B 184 21.81 -20.86 -1.55
C GLN B 184 22.94 -21.70 -0.94
N ASP B 185 22.98 -22.98 -1.28
CA ASP B 185 24.03 -23.84 -0.75
C ASP B 185 25.38 -23.58 -1.41
N VAL B 186 25.38 -23.41 -2.71
CA VAL B 186 26.61 -23.18 -3.46
C VAL B 186 27.27 -21.84 -3.12
N PHE B 187 26.50 -20.76 -3.19
CA PHE B 187 27.04 -19.45 -2.86
C PHE B 187 27.00 -19.17 -1.35
N ASN B 188 26.18 -19.92 -0.63
CA ASN B 188 26.04 -19.77 0.82
C ASN B 188 25.58 -18.36 1.23
N VAL B 189 24.50 -17.89 0.62
CA VAL B 189 23.94 -16.56 0.91
C VAL B 189 22.53 -16.60 1.52
N PRO B 190 22.09 -15.49 2.15
CA PRO B 190 20.75 -15.46 2.76
C PRO B 190 19.68 -15.38 1.69
N LEU B 191 18.52 -15.97 1.98
CA LEU B 191 17.40 -16.00 1.05
C LEU B 191 16.11 -15.37 1.57
N VAL B 192 15.48 -14.59 0.71
CA VAL B 192 14.24 -13.92 1.03
C VAL B 192 13.15 -14.49 0.10
N ILE B 193 12.08 -15.03 0.67
CA ILE B 193 10.98 -15.62 -0.10
C ILE B 193 9.64 -14.93 0.18
N GLN B 194 9.16 -14.18 -0.80
CA GLN B 194 7.92 -13.45 -0.68
C GLN B 194 6.67 -14.33 -0.95
N MET B 195 5.71 -14.29 -0.03
CA MET B 195 4.46 -15.05 -0.17
C MET B 195 3.40 -14.00 -0.42
N THR B 196 3.05 -13.79 -1.69
CA THR B 196 2.07 -12.77 -2.03
C THR B 196 0.60 -13.06 -1.73
N ASP B 197 0.27 -13.24 -0.44
CA ASP B 197 -1.13 -13.49 -0.08
C ASP B 197 -2.02 -12.30 -0.40
N ASP B 198 -1.44 -11.10 -0.47
CA ASP B 198 -2.24 -9.94 -0.80
C ASP B 198 -2.57 -9.96 -2.30
N GLU B 199 -1.61 -10.44 -3.09
CA GLU B 199 -1.79 -10.55 -4.54
C GLU B 199 -2.99 -11.45 -4.85
N LYS B 200 -2.99 -12.64 -4.25
CA LYS B 200 -4.05 -13.60 -4.48
C LYS B 200 -5.40 -13.17 -3.90
N TYR B 201 -5.38 -12.28 -2.92
CA TYR B 201 -6.61 -11.77 -2.33
C TYR B 201 -7.21 -10.82 -3.37
N LEU B 202 -6.35 -10.00 -3.96
CA LEU B 202 -6.75 -9.04 -4.97
C LEU B 202 -7.27 -9.69 -6.24
N TRP B 203 -6.59 -10.74 -6.68
CA TRP B 203 -6.92 -11.44 -7.93
C TRP B 203 -7.92 -12.57 -7.87
N LYS B 204 -8.02 -13.25 -6.73
CA LYS B 204 -8.93 -14.37 -6.62
C LYS B 204 -10.06 -14.11 -5.64
N ASP B 205 -11.08 -14.96 -5.70
CA ASP B 205 -12.21 -14.81 -4.79
C ASP B 205 -11.79 -15.49 -3.51
N LEU B 206 -10.95 -14.80 -2.75
CA LEU B 206 -10.46 -15.32 -1.49
C LEU B 206 -10.67 -14.34 -0.35
N THR B 207 -10.63 -14.91 0.84
CA THR B 207 -10.77 -14.17 2.07
C THR B 207 -9.32 -13.85 2.50
N LEU B 208 -9.12 -12.80 3.29
CA LEU B 208 -7.78 -12.45 3.75
C LEU B 208 -7.19 -13.63 4.51
N ASP B 209 -8.02 -14.25 5.35
CA ASP B 209 -7.56 -15.40 6.11
C ASP B 209 -7.22 -16.59 5.23
N GLN B 210 -8.00 -16.82 4.17
CA GLN B 210 -7.72 -17.94 3.29
C GLN B 210 -6.37 -17.70 2.65
N ALA B 211 -6.24 -16.54 2.02
CA ALA B 211 -5.02 -16.13 1.34
C ALA B 211 -3.82 -16.28 2.27
N TYR B 212 -3.97 -15.80 3.49
CA TYR B 212 -2.89 -15.90 4.47
C TYR B 212 -2.61 -17.35 4.80
N SER B 213 -3.68 -18.11 4.96
CA SER B 213 -3.59 -19.53 5.31
C SER B 213 -2.90 -20.35 4.20
N TYR B 214 -3.06 -19.93 2.95
CA TYR B 214 -2.42 -20.65 1.86
C TYR B 214 -0.93 -20.33 1.86
N ALA B 215 -0.57 -19.13 2.29
CA ALA B 215 0.84 -18.76 2.34
C ALA B 215 1.54 -19.66 3.35
N VAL B 216 0.96 -19.76 4.53
CA VAL B 216 1.53 -20.58 5.59
C VAL B 216 1.65 -22.04 5.15
N GLU B 217 0.62 -22.54 4.46
CA GLU B 217 0.62 -23.92 3.99
C GLU B 217 1.61 -24.13 2.87
N ASN B 218 1.72 -23.18 1.95
CA ASN B 218 2.66 -23.33 0.86
C ASN B 218 4.09 -23.21 1.38
N ALA B 219 4.27 -22.43 2.45
CA ALA B 219 5.58 -22.24 3.07
C ALA B 219 6.13 -23.56 3.59
N LYS B 220 5.23 -24.47 3.99
CA LYS B 220 5.66 -25.78 4.49
C LYS B 220 6.26 -26.59 3.33
N ASP B 221 5.70 -26.41 2.14
CA ASP B 221 6.19 -27.10 0.96
C ASP B 221 7.52 -26.51 0.56
N ILE B 222 7.62 -25.18 0.67
CA ILE B 222 8.87 -24.49 0.34
C ILE B 222 9.93 -24.95 1.35
N ILE B 223 9.59 -24.95 2.64
CA ILE B 223 10.55 -25.41 3.64
C ILE B 223 10.94 -26.88 3.38
N ALA B 224 10.03 -27.63 2.77
CA ALA B 224 10.27 -29.04 2.48
C ALA B 224 11.35 -29.22 1.41
N CYS B 225 11.64 -28.16 0.67
CA CYS B 225 12.67 -28.21 -0.35
C CYS B 225 14.07 -28.21 0.30
N GLY B 226 14.10 -27.95 1.61
CA GLY B 226 15.37 -27.97 2.32
C GLY B 226 16.08 -26.67 2.65
N PHE B 227 15.42 -25.52 2.53
CA PHE B 227 16.10 -24.26 2.85
C PHE B 227 16.58 -24.24 4.29
N ASP B 228 17.73 -23.61 4.52
CA ASP B 228 18.31 -23.53 5.85
C ASP B 228 17.57 -22.52 6.71
N ILE B 229 16.99 -23.01 7.80
CA ILE B 229 16.22 -22.16 8.69
C ILE B 229 16.99 -20.97 9.23
N ASN B 230 18.32 -21.03 9.16
CA ASN B 230 19.14 -19.92 9.65
C ASN B 230 19.57 -18.95 8.57
N LYS B 231 19.20 -19.23 7.34
CA LYS B 231 19.62 -18.36 6.24
C LYS B 231 18.47 -17.94 5.37
N THR B 232 17.24 -18.25 5.78
CA THR B 232 16.10 -17.89 4.96
C THR B 232 14.87 -17.34 5.69
N PHE B 233 14.39 -16.22 5.18
CA PHE B 233 13.21 -15.53 5.72
C PHE B 233 12.07 -15.70 4.73
N ILE B 234 11.02 -16.40 5.15
CA ILE B 234 9.84 -16.62 4.31
C ILE B 234 8.77 -15.72 4.88
N PHE B 235 8.36 -14.71 4.13
CA PHE B 235 7.36 -13.77 4.65
C PHE B 235 6.07 -13.62 3.83
N SER B 236 5.00 -13.33 4.56
CA SER B 236 3.68 -13.07 4.00
C SER B 236 3.59 -11.56 3.81
N ASP B 237 3.12 -11.10 2.65
CA ASP B 237 3.01 -9.67 2.43
C ASP B 237 2.08 -9.01 3.45
N LEU B 238 0.96 -9.67 3.72
CA LEU B 238 -0.01 -9.14 4.67
C LEU B 238 0.59 -8.91 6.05
N ASP B 239 1.29 -9.90 6.57
CA ASP B 239 1.89 -9.75 7.89
C ASP B 239 3.10 -8.81 7.91
N TYR B 240 4.03 -9.05 6.99
CA TYR B 240 5.26 -8.28 6.95
C TYR B 240 5.14 -6.79 6.70
N MET B 241 4.18 -6.38 5.88
CA MET B 241 4.00 -4.96 5.59
C MET B 241 3.82 -4.21 6.90
N GLY B 242 3.11 -4.83 7.84
CA GLY B 242 2.83 -4.21 9.11
C GLY B 242 3.86 -4.40 10.20
N MET B 243 5.01 -4.99 9.87
CA MET B 243 6.04 -5.15 10.89
C MET B 243 7.44 -4.96 10.33
N SER B 244 7.55 -3.99 9.43
CA SER B 244 8.81 -3.67 8.82
C SER B 244 8.95 -2.15 8.73
N SER B 245 10.08 -1.66 9.19
CA SER B 245 10.33 -0.22 9.17
C SER B 245 10.84 0.21 7.80
N GLY B 246 10.98 -0.74 6.87
CA GLY B 246 11.46 -0.36 5.56
C GLY B 246 10.72 -0.89 4.34
N PHE B 247 9.92 -1.95 4.51
CA PHE B 247 9.23 -2.52 3.37
C PHE B 247 8.26 -1.55 2.68
N TYR B 248 7.32 -1.00 3.44
CA TYR B 248 6.36 -0.08 2.87
C TYR B 248 7.02 1.17 2.32
N LYS B 249 8.02 1.70 3.04
CA LYS B 249 8.72 2.88 2.57
C LYS B 249 9.23 2.69 1.14
N ASN B 250 9.74 1.50 0.83
CA ASN B 250 10.22 1.23 -0.53
C ASN B 250 9.05 1.08 -1.48
N VAL B 251 7.99 0.41 -1.01
CA VAL B 251 6.82 0.24 -1.86
C VAL B 251 6.38 1.62 -2.34
N VAL B 252 6.34 2.57 -1.43
CA VAL B 252 5.91 3.92 -1.79
C VAL B 252 6.87 4.55 -2.79
N LYS B 253 8.17 4.48 -2.51
CA LYS B 253 9.15 5.05 -3.44
C LYS B 253 8.92 4.52 -4.84
N ILE B 254 8.79 3.20 -4.94
CA ILE B 254 8.57 2.56 -6.23
C ILE B 254 7.26 3.05 -6.85
N GLN B 255 6.23 3.19 -6.03
CA GLN B 255 4.91 3.63 -6.49
C GLN B 255 4.93 5.03 -7.10
N LYS B 256 5.84 5.87 -6.63
CA LYS B 256 5.94 7.23 -7.14
C LYS B 256 6.64 7.27 -8.49
N HIS B 257 7.38 6.21 -8.81
CA HIS B 257 8.12 6.17 -10.06
C HIS B 257 7.61 5.19 -11.12
N VAL B 258 6.36 4.76 -11.00
CA VAL B 258 5.78 3.85 -11.99
C VAL B 258 4.38 4.35 -12.28
N THR B 259 4.12 4.71 -13.54
CA THR B 259 2.81 5.23 -13.91
C THR B 259 1.83 4.14 -14.32
N PHE B 260 0.55 4.49 -14.35
CA PHE B 260 -0.48 3.55 -14.72
C PHE B 260 -0.27 3.11 -16.17
N ASN B 261 0.28 4.01 -16.99
CA ASN B 261 0.54 3.67 -18.39
C ASN B 261 1.55 2.54 -18.44
N GLN B 262 2.64 2.70 -17.70
CA GLN B 262 3.68 1.70 -17.65
C GLN B 262 3.14 0.31 -17.30
N VAL B 263 2.28 0.22 -16.28
CA VAL B 263 1.73 -1.08 -15.89
C VAL B 263 0.65 -1.59 -16.84
N LYS B 264 0.02 -0.70 -17.58
CA LYS B 264 -1.00 -1.13 -18.54
C LYS B 264 -0.22 -1.76 -19.69
N GLY B 265 0.93 -1.17 -19.99
CA GLY B 265 1.76 -1.67 -21.07
C GLY B 265 2.59 -2.88 -20.70
N ILE B 266 2.94 -3.02 -19.42
CA ILE B 266 3.73 -4.16 -18.99
C ILE B 266 2.90 -5.35 -18.54
N PHE B 267 1.82 -5.09 -17.81
CA PHE B 267 0.99 -6.18 -17.30
C PHE B 267 -0.39 -6.27 -17.93
N GLY B 268 -0.78 -5.27 -18.70
CA GLY B 268 -2.08 -5.31 -19.35
C GLY B 268 -3.28 -4.95 -18.48
N PHE B 269 -3.10 -4.06 -17.51
CA PHE B 269 -4.22 -3.65 -16.66
C PHE B 269 -5.10 -2.71 -17.45
N THR B 270 -6.36 -2.58 -17.03
CA THR B 270 -7.30 -1.70 -17.68
C THR B 270 -7.95 -0.80 -16.65
N ASP B 271 -8.77 0.14 -17.12
CA ASP B 271 -9.48 1.08 -16.25
C ASP B 271 -10.50 0.39 -15.35
N SER B 272 -10.77 -0.88 -15.63
CA SER B 272 -11.74 -1.65 -14.85
C SER B 272 -11.11 -2.41 -13.68
N ASP B 273 -9.78 -2.51 -13.68
CA ASP B 273 -9.10 -3.24 -12.61
C ASP B 273 -9.07 -2.43 -11.31
N CYS B 274 -9.25 -3.13 -10.18
CA CYS B 274 -9.25 -2.49 -8.88
C CYS B 274 -7.89 -1.84 -8.67
N ILE B 275 -7.87 -0.73 -7.93
CA ILE B 275 -6.62 -0.02 -7.68
C ILE B 275 -5.57 -0.90 -7.03
N GLY B 276 -6.03 -1.93 -6.31
CA GLY B 276 -5.10 -2.84 -5.67
C GLY B 276 -4.21 -3.52 -6.70
N LYS B 277 -4.83 -4.05 -7.76
CA LYS B 277 -4.08 -4.70 -8.83
C LYS B 277 -3.10 -3.74 -9.48
N ILE B 278 -3.58 -2.54 -9.81
CA ILE B 278 -2.73 -1.54 -10.46
C ILE B 278 -1.43 -1.27 -9.69
N SER B 279 -1.51 -1.16 -8.37
CA SER B 279 -0.31 -0.87 -7.63
C SER B 279 0.45 -2.08 -7.09
N PHE B 280 -0.09 -3.28 -7.29
CA PHE B 280 0.61 -4.45 -6.76
C PHE B 280 2.05 -4.65 -7.21
N PRO B 281 2.35 -4.40 -8.50
CA PRO B 281 3.74 -4.59 -8.95
C PRO B 281 4.81 -4.00 -8.02
N ALA B 282 4.50 -2.89 -7.36
CA ALA B 282 5.45 -2.27 -6.45
C ALA B 282 5.75 -3.20 -5.27
N ILE B 283 4.74 -3.93 -4.82
CA ILE B 283 4.92 -4.86 -3.70
C ILE B 283 5.93 -5.93 -4.10
N GLN B 284 5.75 -6.52 -5.27
CA GLN B 284 6.67 -7.56 -5.72
C GLN B 284 8.06 -7.03 -6.03
N ALA B 285 8.13 -5.75 -6.40
CA ALA B 285 9.41 -5.15 -6.73
C ALA B 285 10.21 -4.81 -5.47
N ALA B 286 9.51 -4.41 -4.42
CA ALA B 286 10.11 -4.01 -3.16
C ALA B 286 11.15 -4.95 -2.53
N PRO B 287 10.93 -6.27 -2.57
CA PRO B 287 11.95 -7.10 -1.94
C PRO B 287 13.30 -7.18 -2.66
N SER B 288 13.41 -6.47 -3.78
CA SER B 288 14.65 -6.44 -4.55
C SER B 288 15.65 -5.53 -3.86
N PHE B 289 15.18 -4.73 -2.92
CA PHE B 289 16.06 -3.80 -2.24
C PHE B 289 16.30 -4.20 -0.79
N SER B 290 17.56 -4.49 -0.49
CA SER B 290 17.96 -4.94 0.85
C SER B 290 17.45 -4.16 2.04
N ASN B 291 17.22 -2.85 1.90
CA ASN B 291 16.73 -2.11 3.06
C ASN B 291 15.24 -2.33 3.28
N SER B 292 14.68 -3.34 2.61
CA SER B 292 13.28 -3.69 2.79
C SER B 292 13.29 -4.68 3.94
N PHE B 293 14.48 -5.20 4.23
CA PHE B 293 14.64 -6.16 5.32
C PHE B 293 15.73 -5.70 6.29
N PRO B 294 15.46 -4.61 7.04
CA PRO B 294 16.43 -4.09 8.00
C PRO B 294 16.84 -5.10 9.06
N GLN B 295 15.95 -5.99 9.44
CA GLN B 295 16.28 -6.99 10.44
C GLN B 295 17.42 -7.91 9.98
N ILE B 296 17.56 -8.11 8.68
CA ILE B 296 18.64 -8.97 8.20
C ILE B 296 19.81 -8.22 7.61
N PHE B 297 19.56 -7.01 7.14
CA PHE B 297 20.62 -6.17 6.58
C PHE B 297 20.71 -4.90 7.45
N ARG B 298 21.92 -4.52 7.83
CA ARG B 298 22.10 -3.34 8.68
C ARG B 298 21.78 -2.04 7.94
N ASP B 299 20.48 -1.77 7.74
CA ASP B 299 20.02 -0.57 7.03
C ASP B 299 20.74 -0.36 5.69
N ARG B 300 21.56 -1.35 5.29
CA ARG B 300 22.30 -1.27 4.04
C ARG B 300 21.39 -1.35 2.83
N THR B 301 21.74 -0.59 1.79
CA THR B 301 20.94 -0.55 0.56
C THR B 301 21.76 -0.93 -0.67
N ASP B 302 23.04 -1.19 -0.44
CA ASP B 302 23.95 -1.51 -1.52
C ASP B 302 24.17 -2.99 -1.79
N ILE B 303 23.40 -3.87 -1.16
CA ILE B 303 23.58 -5.29 -1.35
C ILE B 303 22.94 -5.91 -2.60
N GLN B 304 23.79 -6.51 -3.45
CA GLN B 304 23.36 -7.15 -4.69
C GLN B 304 22.23 -8.15 -4.44
N CYS B 305 21.22 -8.10 -5.29
CA CYS B 305 20.10 -9.02 -5.18
C CYS B 305 20.03 -9.91 -6.43
N LEU B 306 19.88 -11.21 -6.22
CA LEU B 306 19.76 -12.15 -7.33
C LEU B 306 18.37 -12.79 -7.27
N ILE B 307 17.62 -12.68 -8.34
CA ILE B 307 16.26 -13.22 -8.39
C ILE B 307 16.07 -14.40 -9.34
N PRO B 308 16.01 -15.62 -8.80
CA PRO B 308 15.81 -16.77 -9.70
C PRO B 308 14.30 -16.91 -9.87
N CYS B 309 13.83 -17.18 -11.08
CA CYS B 309 12.39 -17.31 -11.28
C CYS B 309 12.00 -17.83 -12.65
N ALA B 310 10.74 -18.22 -12.79
CA ALA B 310 10.25 -18.69 -14.08
C ALA B 310 10.23 -17.44 -14.93
N ILE B 311 10.49 -17.61 -16.23
CA ILE B 311 10.53 -16.47 -17.14
C ILE B 311 9.29 -15.58 -17.11
N ASP B 312 8.13 -16.13 -16.79
CA ASP B 312 6.90 -15.34 -16.76
C ASP B 312 6.86 -14.25 -15.66
N GLN B 313 7.85 -14.24 -14.76
CA GLN B 313 7.88 -13.23 -13.70
C GLN B 313 8.77 -12.05 -14.08
N ASP B 314 9.54 -12.23 -15.15
CA ASP B 314 10.46 -11.19 -15.61
C ASP B 314 9.87 -9.78 -15.77
N PRO B 315 8.65 -9.65 -16.31
CA PRO B 315 8.12 -8.29 -16.46
C PRO B 315 8.09 -7.45 -15.16
N TYR B 316 7.89 -8.10 -14.02
CA TYR B 316 7.89 -7.37 -12.75
C TYR B 316 9.25 -6.79 -12.48
N PHE B 317 10.28 -7.59 -12.74
CA PHE B 317 11.65 -7.18 -12.44
C PHE B 317 12.31 -6.38 -13.54
N ARG B 318 11.67 -6.34 -14.71
CA ARG B 318 12.19 -5.55 -15.81
C ARG B 318 11.84 -4.15 -15.32
N MET B 319 10.62 -4.03 -14.80
CA MET B 319 10.11 -2.77 -14.26
C MET B 319 10.94 -2.37 -13.04
N THR B 320 11.23 -3.34 -12.18
CA THR B 320 12.02 -3.08 -10.98
C THR B 320 13.37 -2.50 -11.37
N ARG B 321 14.09 -3.21 -12.23
CA ARG B 321 15.40 -2.74 -12.67
C ARG B 321 15.36 -1.32 -13.24
N ASP B 322 14.30 -0.99 -13.94
CA ASP B 322 14.18 0.36 -14.50
C ASP B 322 14.13 1.44 -13.42
N VAL B 323 13.38 1.21 -12.35
CA VAL B 323 13.26 2.20 -11.28
C VAL B 323 14.39 2.20 -10.24
N ALA B 324 15.09 1.07 -10.10
CA ALA B 324 16.18 0.97 -9.14
C ALA B 324 17.06 2.22 -9.15
N PRO B 325 17.60 2.58 -10.33
CA PRO B 325 18.46 3.76 -10.41
C PRO B 325 17.71 5.04 -10.06
N ARG B 326 16.50 5.20 -10.59
CA ARG B 326 15.70 6.38 -10.32
C ARG B 326 15.57 6.66 -8.81
N ILE B 327 15.75 5.63 -7.99
CA ILE B 327 15.62 5.84 -6.55
C ILE B 327 16.87 5.44 -5.79
N GLY B 328 18.01 5.51 -6.47
CA GLY B 328 19.29 5.22 -5.85
C GLY B 328 19.60 3.82 -5.37
N TYR B 329 18.94 2.80 -5.92
CA TYR B 329 19.22 1.43 -5.52
C TYR B 329 19.80 0.65 -6.69
N PRO B 330 20.59 -0.40 -6.39
CA PRO B 330 21.18 -1.21 -7.46
C PRO B 330 20.11 -2.08 -8.15
N LYS B 331 20.36 -2.45 -9.41
CA LYS B 331 19.42 -3.27 -10.15
C LYS B 331 19.54 -4.72 -9.68
N PRO B 332 18.40 -5.41 -9.53
CA PRO B 332 18.47 -6.81 -9.10
C PRO B 332 18.82 -7.66 -10.31
N ALA B 333 19.61 -8.71 -10.10
CA ALA B 333 19.98 -9.60 -11.20
C ALA B 333 18.91 -10.69 -11.33
N LEU B 334 18.83 -11.31 -12.50
CA LEU B 334 17.85 -12.37 -12.72
C LEU B 334 18.39 -13.65 -13.33
N LEU B 335 17.73 -14.75 -13.00
CA LEU B 335 18.04 -16.08 -13.52
C LEU B 335 16.68 -16.68 -13.89
N HIS B 336 16.41 -16.76 -15.20
CA HIS B 336 15.15 -17.25 -15.72
C HIS B 336 15.10 -18.74 -16.01
N SER B 337 13.99 -19.37 -15.65
CA SER B 337 13.81 -20.79 -15.93
C SER B 337 12.67 -20.95 -16.94
N THR B 338 12.71 -22.05 -17.67
CA THR B 338 11.66 -22.35 -18.64
C THR B 338 10.45 -22.84 -17.86
N PHE B 339 9.35 -23.06 -18.57
CA PHE B 339 8.14 -23.55 -17.93
C PHE B 339 8.19 -25.06 -17.81
N PHE B 340 7.67 -25.59 -16.71
CA PHE B 340 7.60 -27.03 -16.57
C PHE B 340 6.35 -27.35 -17.38
N PRO B 341 6.49 -28.21 -18.39
CA PRO B 341 5.42 -28.64 -19.32
C PRO B 341 4.17 -29.28 -18.71
N ALA B 342 3.02 -29.00 -19.30
CA ALA B 342 1.78 -29.60 -18.85
C ALA B 342 1.78 -31.03 -19.39
N LEU B 343 1.02 -31.92 -18.77
CA LEU B 343 0.97 -33.32 -19.24
C LEU B 343 0.53 -33.45 -20.71
N GLN B 344 -0.48 -32.69 -21.09
CA GLN B 344 -1.05 -32.73 -22.44
C GLN B 344 -0.08 -32.31 -23.54
N GLY B 345 1.00 -31.63 -23.18
CA GLY B 345 1.94 -31.19 -24.20
C GLY B 345 2.65 -29.91 -23.84
N ALA B 346 3.87 -29.75 -24.37
CA ALA B 346 4.69 -28.58 -24.08
C ALA B 346 4.12 -27.25 -24.59
N GLN B 347 2.98 -27.28 -25.27
CA GLN B 347 2.37 -26.06 -25.79
C GLN B 347 1.94 -25.18 -24.61
N THR B 348 1.70 -25.81 -23.47
CA THR B 348 1.29 -25.10 -22.27
C THR B 348 2.17 -25.53 -21.10
N LYS B 349 2.17 -24.72 -20.04
CA LYS B 349 2.95 -25.04 -18.87
C LYS B 349 1.97 -25.68 -17.90
N MET B 350 2.48 -26.50 -16.99
CA MET B 350 1.62 -27.14 -16.01
C MET B 350 0.93 -25.99 -15.26
N SER B 351 -0.35 -26.16 -14.97
CA SER B 351 -1.10 -25.11 -14.29
C SER B 351 -2.20 -25.64 -13.40
N ALA B 352 -2.19 -25.20 -12.14
CA ALA B 352 -3.20 -25.63 -11.17
C ALA B 352 -4.60 -25.35 -11.73
N SER B 353 -4.69 -24.39 -12.65
CA SER B 353 -5.96 -24.05 -13.30
C SER B 353 -6.56 -25.34 -13.81
N ASP B 354 -5.86 -25.99 -14.73
CA ASP B 354 -6.31 -27.25 -15.29
C ASP B 354 -5.61 -28.38 -14.54
N PRO B 355 -6.25 -28.90 -13.47
CA PRO B 355 -5.71 -29.99 -12.64
C PRO B 355 -5.37 -31.27 -13.40
N ASN B 356 -5.92 -31.40 -14.60
CA ASN B 356 -5.68 -32.57 -15.42
C ASN B 356 -4.29 -32.54 -16.07
N SER B 357 -3.70 -31.34 -16.13
CA SER B 357 -2.38 -31.16 -16.71
C SER B 357 -1.30 -31.21 -15.66
N SER B 358 -1.70 -31.33 -14.40
CA SER B 358 -0.74 -31.31 -13.30
C SER B 358 -0.57 -32.59 -12.53
N ILE B 359 0.58 -32.70 -11.89
CA ILE B 359 0.91 -33.83 -11.01
C ILE B 359 1.06 -33.07 -9.69
N PHE B 360 0.12 -33.26 -8.77
CA PHE B 360 0.18 -32.53 -7.50
C PHE B 360 1.11 -33.15 -6.49
N LEU B 361 1.63 -32.31 -5.59
CA LEU B 361 2.55 -32.78 -4.56
C LEU B 361 1.84 -33.65 -3.54
N THR B 362 0.52 -33.75 -3.67
CA THR B 362 -0.28 -34.58 -2.75
C THR B 362 -0.84 -35.81 -3.48
N ASP B 363 -0.59 -35.91 -4.78
CA ASP B 363 -1.07 -37.05 -5.56
C ASP B 363 -0.48 -38.35 -5.00
N THR B 364 -1.27 -39.41 -5.02
CA THR B 364 -0.80 -40.69 -4.52
C THR B 364 0.07 -41.32 -5.61
N ALA B 365 0.83 -42.36 -5.25
CA ALA B 365 1.68 -43.05 -6.21
C ALA B 365 0.85 -43.57 -7.39
N LYS B 366 -0.36 -44.03 -7.08
CA LYS B 366 -1.26 -44.56 -8.10
C LYS B 366 -1.71 -43.46 -9.05
N GLN B 367 -2.09 -42.31 -8.50
CA GLN B 367 -2.52 -41.18 -9.33
C GLN B 367 -1.39 -40.70 -10.23
N ILE B 368 -0.16 -40.76 -9.72
CA ILE B 368 1.02 -40.32 -10.46
C ILE B 368 1.23 -41.25 -11.65
N LYS B 369 1.17 -42.54 -11.38
CA LYS B 369 1.33 -43.55 -12.42
C LYS B 369 0.22 -43.38 -13.46
N THR B 370 -1.00 -43.15 -12.99
CA THR B 370 -2.16 -42.99 -13.86
C THR B 370 -2.11 -41.75 -14.73
N LYS B 371 -1.70 -40.63 -14.16
CA LYS B 371 -1.64 -39.39 -14.92
C LYS B 371 -0.56 -39.48 -15.98
N VAL B 372 0.55 -40.14 -15.64
CA VAL B 372 1.64 -40.29 -16.59
C VAL B 372 1.26 -41.23 -17.72
N ASN B 373 0.87 -42.45 -17.38
CA ASN B 373 0.49 -43.43 -18.39
C ASN B 373 -0.62 -42.96 -19.31
N LYS B 374 -1.71 -42.48 -18.70
CA LYS B 374 -2.86 -42.06 -19.47
C LYS B 374 -2.86 -40.64 -19.99
N HIS B 375 -2.01 -39.76 -19.45
CA HIS B 375 -2.05 -38.38 -19.92
C HIS B 375 -0.82 -37.72 -20.43
N ALA B 376 0.35 -38.30 -20.16
CA ALA B 376 1.59 -37.70 -20.64
C ALA B 376 1.68 -37.85 -22.16
N PHE B 377 1.69 -36.72 -22.88
CA PHE B 377 1.78 -36.74 -24.32
C PHE B 377 3.02 -37.51 -24.76
N SER B 378 2.89 -38.31 -25.80
CA SER B 378 3.99 -39.13 -26.29
C SER B 378 4.58 -38.74 -27.64
N GLY B 379 5.91 -38.67 -27.67
CA GLY B 379 6.60 -38.34 -28.90
C GLY B 379 6.85 -39.65 -29.61
N GLY B 380 6.32 -40.73 -29.01
CA GLY B 380 6.48 -42.05 -29.59
C GLY B 380 5.61 -42.23 -30.83
N ARG B 381 5.70 -43.41 -31.44
CA ARG B 381 4.93 -43.71 -32.64
C ARG B 381 3.57 -44.32 -32.32
N ASP B 382 2.68 -44.30 -33.31
CA ASP B 382 1.33 -44.81 -33.15
C ASP B 382 1.23 -46.26 -32.72
N THR B 383 2.00 -47.11 -33.38
CA THR B 383 2.00 -48.54 -33.05
C THR B 383 3.40 -48.90 -32.57
N ILE B 384 3.53 -49.97 -31.79
CA ILE B 384 4.85 -50.35 -31.32
C ILE B 384 5.73 -50.79 -32.49
N GLU B 385 5.11 -51.36 -33.53
CA GLU B 385 5.87 -51.81 -34.69
C GLU B 385 6.57 -50.61 -35.31
N GLU B 386 5.83 -49.53 -35.50
CA GLU B 386 6.38 -48.31 -36.07
C GLU B 386 7.40 -47.69 -35.12
N HIS B 387 7.23 -47.94 -33.83
CA HIS B 387 8.15 -47.37 -32.87
C HIS B 387 9.50 -48.08 -33.01
N ARG B 388 9.46 -49.41 -33.09
CA ARG B 388 10.70 -50.17 -33.23
C ARG B 388 11.38 -49.74 -34.53
N GLN B 389 10.58 -49.49 -35.55
CA GLN B 389 11.13 -49.11 -36.85
C GLN B 389 11.65 -47.69 -36.96
N PHE B 390 10.85 -46.72 -36.57
CA PHE B 390 11.30 -45.34 -36.71
C PHE B 390 11.81 -44.65 -35.44
N GLY B 391 11.52 -45.23 -34.28
CA GLY B 391 11.98 -44.61 -33.03
C GLY B 391 11.17 -43.39 -32.62
N GLY B 392 11.25 -43.04 -31.34
CA GLY B 392 10.52 -41.90 -30.82
C GLY B 392 11.16 -40.54 -30.98
N ASN B 393 10.37 -39.50 -30.73
CA ASN B 393 10.85 -38.12 -30.82
C ASN B 393 10.87 -37.48 -29.44
N CYS B 394 12.07 -37.40 -28.85
CA CYS B 394 12.26 -36.84 -27.53
C CYS B 394 11.85 -35.37 -27.43
N ASP B 395 12.06 -34.62 -28.50
CA ASP B 395 11.74 -33.20 -28.50
C ASP B 395 10.28 -32.81 -28.28
N VAL B 396 9.36 -33.78 -28.31
CA VAL B 396 7.96 -33.45 -28.08
C VAL B 396 7.34 -34.39 -27.07
N ASP B 397 8.15 -35.30 -26.53
CA ASP B 397 7.64 -36.24 -25.55
C ASP B 397 7.69 -35.63 -24.16
N VAL B 398 6.51 -35.42 -23.57
CA VAL B 398 6.41 -34.82 -22.24
C VAL B 398 7.14 -35.61 -21.17
N SER B 399 7.03 -36.93 -21.21
CA SER B 399 7.70 -37.77 -20.21
C SER B 399 9.22 -37.61 -20.23
N PHE B 400 9.80 -37.49 -21.42
CA PHE B 400 11.24 -37.32 -21.51
C PHE B 400 11.60 -35.95 -20.96
N MET B 401 10.84 -34.92 -21.34
CA MET B 401 11.09 -33.58 -20.83
C MET B 401 11.14 -33.59 -19.30
N TYR B 402 10.21 -34.31 -18.68
CA TYR B 402 10.17 -34.40 -17.22
C TYR B 402 11.46 -35.01 -16.67
N LEU B 403 12.00 -36.00 -17.36
CA LEU B 403 13.22 -36.65 -16.93
C LEU B 403 14.37 -35.64 -16.97
N THR B 404 14.28 -34.71 -17.91
CA THR B 404 15.29 -33.67 -18.05
C THR B 404 15.36 -32.80 -16.80
N PHE B 405 14.21 -32.63 -16.13
CA PHE B 405 14.12 -31.83 -14.91
C PHE B 405 14.46 -32.62 -13.65
N PHE B 406 14.09 -33.89 -13.63
CA PHE B 406 14.26 -34.66 -12.42
C PHE B 406 15.21 -35.84 -12.36
N LEU B 407 15.74 -36.27 -13.50
CA LEU B 407 16.70 -37.37 -13.50
C LEU B 407 18.05 -36.68 -13.41
N GLU B 408 18.73 -36.84 -12.27
CA GLU B 408 20.02 -36.16 -12.08
C GLU B 408 21.19 -36.76 -12.86
N ASP B 409 21.26 -38.08 -12.89
CA ASP B 409 22.32 -38.81 -13.60
C ASP B 409 22.33 -38.49 -15.10
N ASP B 410 23.35 -37.77 -15.56
CA ASP B 410 23.44 -37.42 -16.97
C ASP B 410 23.59 -38.62 -17.89
N ASP B 411 24.25 -39.66 -17.42
CA ASP B 411 24.44 -40.85 -18.25
C ASP B 411 23.13 -41.57 -18.48
N LYS B 412 22.44 -41.88 -17.39
CA LYS B 412 21.18 -42.58 -17.51
C LYS B 412 20.18 -41.81 -18.41
N LEU B 413 20.22 -40.48 -18.35
CA LEU B 413 19.32 -39.68 -19.17
C LEU B 413 19.69 -39.80 -20.65
N GLU B 414 20.99 -39.75 -20.93
CA GLU B 414 21.47 -39.85 -22.29
C GLU B 414 21.15 -41.22 -22.89
N GLN B 415 21.37 -42.26 -22.10
CA GLN B 415 21.09 -43.61 -22.55
C GLN B 415 19.62 -43.64 -22.95
N ILE B 416 18.75 -43.17 -22.05
CA ILE B 416 17.32 -43.12 -22.30
C ILE B 416 17.00 -42.31 -23.56
N ARG B 417 17.70 -41.20 -23.78
CA ARG B 417 17.44 -40.42 -24.99
C ARG B 417 17.76 -41.25 -26.25
N LYS B 418 18.90 -41.92 -26.23
CA LYS B 418 19.33 -42.71 -27.37
C LYS B 418 18.43 -43.91 -27.66
N ASP B 419 18.05 -44.63 -26.61
CA ASP B 419 17.20 -45.80 -26.78
C ASP B 419 15.77 -45.44 -27.21
N TYR B 420 15.30 -44.27 -26.79
CA TYR B 420 13.96 -43.87 -27.17
C TYR B 420 14.02 -43.41 -28.63
N THR B 421 15.09 -42.73 -28.97
CA THR B 421 15.26 -42.24 -30.33
C THR B 421 15.50 -43.39 -31.32
N SER B 422 16.07 -44.48 -30.85
CA SER B 422 16.36 -45.62 -31.71
C SER B 422 15.23 -46.64 -31.78
N GLY B 423 14.28 -46.53 -30.85
CA GLY B 423 13.17 -47.47 -30.84
C GLY B 423 13.44 -48.59 -29.85
N ALA B 424 14.65 -48.66 -29.34
CA ALA B 424 15.04 -49.69 -28.37
C ALA B 424 14.16 -49.60 -27.13
N MET B 425 13.61 -48.41 -26.89
CA MET B 425 12.75 -48.19 -25.74
C MET B 425 11.38 -47.71 -26.21
N LEU B 426 10.33 -48.33 -25.69
CA LEU B 426 8.95 -47.99 -26.03
C LEU B 426 8.46 -46.90 -25.06
N THR B 427 7.54 -46.05 -25.52
CA THR B 427 7.06 -44.99 -24.65
C THR B 427 6.54 -45.56 -23.33
N GLY B 428 6.00 -46.77 -23.38
CA GLY B 428 5.52 -47.39 -22.17
C GLY B 428 6.63 -47.57 -21.14
N GLU B 429 7.84 -47.82 -21.62
CA GLU B 429 8.99 -48.01 -20.73
C GLU B 429 9.55 -46.67 -20.30
N LEU B 430 9.54 -45.71 -21.21
CA LEU B 430 10.01 -44.37 -20.92
C LEU B 430 9.10 -43.89 -19.78
N LYS B 431 7.80 -44.09 -19.98
CA LYS B 431 6.75 -43.73 -19.02
C LYS B 431 7.06 -44.33 -17.64
N LYS B 432 7.34 -45.63 -17.62
CA LYS B 432 7.62 -46.33 -16.39
C LYS B 432 8.89 -45.78 -15.72
N ALA B 433 9.85 -45.38 -16.54
CA ALA B 433 11.10 -44.82 -16.02
C ALA B 433 10.80 -43.51 -15.30
N LEU B 434 9.96 -42.67 -15.90
CA LEU B 434 9.59 -41.39 -15.30
C LEU B 434 8.85 -41.64 -13.97
N ILE B 435 7.85 -42.52 -14.02
CA ILE B 435 7.05 -42.85 -12.85
C ILE B 435 7.93 -43.29 -11.69
N GLU B 436 8.97 -44.08 -11.98
CA GLU B 436 9.86 -44.54 -10.93
C GLU B 436 10.74 -43.42 -10.37
N VAL B 437 10.74 -42.28 -11.05
CA VAL B 437 11.50 -41.12 -10.62
C VAL B 437 10.59 -40.17 -9.83
N LEU B 438 9.39 -39.96 -10.37
CA LEU B 438 8.42 -39.07 -9.75
C LEU B 438 7.86 -39.57 -8.42
N GLN B 439 7.40 -40.81 -8.39
CA GLN B 439 6.82 -41.35 -7.17
C GLN B 439 7.70 -41.14 -5.95
N PRO B 440 8.99 -41.47 -6.05
CA PRO B 440 9.84 -41.26 -4.86
C PRO B 440 10.10 -39.77 -4.62
N LEU B 441 10.23 -39.00 -5.70
CA LEU B 441 10.45 -37.57 -5.55
C LEU B 441 9.31 -36.90 -4.80
N ILE B 442 8.09 -37.31 -5.12
CA ILE B 442 6.91 -36.74 -4.49
C ILE B 442 6.66 -37.32 -3.11
N ALA B 443 6.95 -38.60 -2.94
CA ALA B 443 6.74 -39.25 -1.65
C ALA B 443 7.71 -38.68 -0.63
N GLU B 444 8.94 -38.45 -1.07
CA GLU B 444 9.99 -37.90 -0.21
C GLU B 444 9.60 -36.49 0.22
N HIS B 445 9.14 -35.71 -0.75
CA HIS B 445 8.73 -34.35 -0.48
C HIS B 445 7.61 -34.33 0.56
N GLN B 446 6.66 -35.26 0.43
CA GLN B 446 5.56 -35.32 1.36
C GLN B 446 6.10 -35.69 2.74
N ALA B 447 7.12 -36.53 2.77
CA ALA B 447 7.73 -36.94 4.03
C ALA B 447 8.42 -35.75 4.68
N ARG B 448 9.10 -34.94 3.87
CA ARG B 448 9.79 -33.76 4.37
C ARG B 448 8.74 -32.78 4.91
N ARG B 449 7.70 -32.54 4.11
CA ARG B 449 6.64 -31.62 4.50
C ARG B 449 6.02 -31.99 5.84
N LYS B 450 5.82 -33.29 6.06
CA LYS B 450 5.23 -33.75 7.31
C LYS B 450 6.05 -33.34 8.54
N GLU B 451 7.34 -33.12 8.34
CA GLU B 451 8.23 -32.74 9.43
C GLU B 451 8.18 -31.28 9.82
N VAL B 452 7.78 -30.41 8.89
CA VAL B 452 7.74 -29.00 9.19
C VAL B 452 6.51 -28.61 10.01
N THR B 453 6.71 -28.50 11.32
CA THR B 453 5.67 -28.13 12.28
C THR B 453 5.35 -26.64 12.22
N ASP B 454 4.26 -26.24 12.88
CA ASP B 454 3.86 -24.84 12.90
C ASP B 454 4.92 -24.00 13.59
N GLU B 455 5.53 -24.57 14.63
CA GLU B 455 6.59 -23.88 15.36
C GLU B 455 7.73 -23.62 14.36
N ILE B 456 7.97 -24.59 13.49
CA ILE B 456 9.03 -24.46 12.50
C ILE B 456 8.64 -23.45 11.43
N VAL B 457 7.40 -23.52 10.96
CA VAL B 457 6.94 -22.58 9.94
C VAL B 457 7.01 -21.17 10.51
N LYS B 458 6.64 -21.05 11.77
CA LYS B 458 6.64 -19.77 12.44
C LYS B 458 8.02 -19.13 12.52
N GLU B 459 9.05 -19.92 12.83
CA GLU B 459 10.39 -19.35 12.91
C GLU B 459 10.81 -18.86 11.52
N PHE B 460 10.56 -19.68 10.49
CA PHE B 460 10.93 -19.31 9.12
C PHE B 460 10.30 -17.99 8.73
N MET B 461 9.06 -17.79 9.17
CA MET B 461 8.31 -16.58 8.84
C MET B 461 8.47 -15.43 9.83
N THR B 462 9.32 -15.59 10.84
CA THR B 462 9.52 -14.53 11.80
C THR B 462 10.63 -13.58 11.36
N PRO B 463 10.33 -12.28 11.18
CA PRO B 463 11.42 -11.39 10.77
C PRO B 463 12.49 -11.46 11.85
N ARG B 464 13.72 -11.72 11.45
CA ARG B 464 14.80 -11.88 12.39
C ARG B 464 16.15 -11.73 11.73
N LYS B 465 17.20 -11.75 12.54
CA LYS B 465 18.55 -11.65 12.02
C LYS B 465 18.91 -13.06 11.55
N LEU B 466 19.49 -13.17 10.36
CA LEU B 466 19.89 -14.47 9.85
C LEU B 466 21.36 -14.63 10.17
N SER B 467 21.86 -15.86 10.15
CA SER B 467 23.26 -16.13 10.47
C SER B 467 24.25 -15.54 9.47
N PHE B 468 24.19 -14.23 9.30
CA PHE B 468 25.08 -13.50 8.41
C PHE B 468 25.39 -12.15 9.02
N ASP B 469 26.58 -11.62 8.72
CA ASP B 469 26.98 -10.33 9.26
C ASP B 469 27.26 -9.32 8.16
N PHE B 470 26.49 -8.24 8.15
CA PHE B 470 26.65 -7.19 7.14
C PHE B 470 26.94 -5.85 7.84
N GLN B 471 28.22 -5.59 8.08
CA GLN B 471 28.62 -4.34 8.73
C GLN B 471 29.67 -3.62 7.90
#